data_7ZUO
#
_entry.id   7ZUO
#
_cell.length_a   83.179
_cell.length_b   100.314
_cell.length_c   120.247
_cell.angle_alpha   90.000
_cell.angle_beta   90.000
_cell.angle_gamma   90.000
#
_symmetry.space_group_name_H-M   'P 21 21 21'
#
loop_
_entity.id
_entity.type
_entity.pdbx_description
1 polymer 'Protein 2A'
2 non-polymer 2-AMINO-2-HYDROXYMETHYL-PROPANE-1,3-DIOL
3 non-polymer 1,2-ETHANEDIOL
4 non-polymer DI(HYDROXYETHYL)ETHER
5 non-polymer 'TRIETHYLENE GLYCOL'
6 non-polymer 'SODIUM ION'
7 water water
#
_entity_poly.entity_id   1
_entity_poly.type   'polypeptide(L)'
_entity_poly.pdbx_seq_one_letter_code
;GPGPDIELVYKNRGFYKHYGIRIGDQIYHLNSQDILTTAITGKSEFIKEQDDGNWTHAMTAPLDYFTEKYVNSMVGSKHI
FSCTTNCETIARDIFPGQSGISQSKALGIVGLILLSASLLSLLAV
;
_entity_poly.pdbx_strand_id   A,B,C,D,E,F
#
loop_
_chem_comp.id
_chem_comp.type
_chem_comp.name
_chem_comp.formula
EDO non-polymer 1,2-ETHANEDIOL 'C2 H6 O2'
NA non-polymer 'SODIUM ION' 'Na 1'
PEG non-polymer DI(HYDROXYETHYL)ETHER 'C4 H10 O3'
PGE non-polymer 'TRIETHYLENE GLYCOL' 'C6 H14 O4'
TRS non-polymer 2-AMINO-2-HYDROXYMETHYL-PROPANE-1,3-DIOL 'C4 H12 N O3 1'
#
# COMPACT_ATOMS: atom_id res chain seq x y z
N PRO A 2 11.72 10.76 -10.50
CA PRO A 2 11.03 12.05 -10.32
C PRO A 2 9.76 11.98 -9.45
N GLY A 3 9.18 13.15 -9.14
CA GLY A 3 7.88 13.25 -8.49
C GLY A 3 7.92 13.93 -7.11
N PRO A 4 7.90 15.29 -7.02
CA PRO A 4 7.68 16.00 -5.77
C PRO A 4 6.47 15.45 -5.01
N ASP A 5 6.49 15.59 -3.68
CA ASP A 5 5.40 15.13 -2.85
C ASP A 5 4.11 15.77 -3.32
N ILE A 6 2.99 15.04 -3.21
CA ILE A 6 1.72 15.66 -3.56
C ILE A 6 0.91 15.92 -2.29
N GLU A 7 0.09 16.97 -2.34
CA GLU A 7 -0.60 17.40 -1.14
C GLU A 7 -2.07 17.03 -1.30
N LEU A 8 -2.50 16.11 -0.44
CA LEU A 8 -3.89 15.77 -0.30
C LEU A 8 -4.53 16.73 0.70
N VAL A 9 -5.68 17.30 0.29
CA VAL A 9 -6.43 18.27 1.09
C VAL A 9 -7.89 17.87 1.09
N TYR A 10 -8.70 18.49 1.94
CA TYR A 10 -10.10 18.11 2.07
C TYR A 10 -10.97 19.26 2.53
N LYS A 11 -12.27 19.08 2.30
CA LYS A 11 -13.32 19.81 2.98
C LYS A 11 -14.26 18.82 3.64
N ASN A 12 -14.81 19.22 4.78
CA ASN A 12 -15.81 18.41 5.45
C ASN A 12 -17.11 18.44 4.65
N ARG A 13 -17.73 17.27 4.45
CA ARG A 13 -19.02 17.19 3.81
C ARG A 13 -19.85 16.22 4.63
N GLY A 14 -20.80 16.73 5.42
CA GLY A 14 -21.50 15.91 6.40
C GLY A 14 -20.52 15.10 7.24
N PHE A 15 -20.71 13.77 7.28
CA PHE A 15 -19.94 12.91 8.19
C PHE A 15 -18.72 12.29 7.50
N TYR A 16 -18.31 12.82 6.34
CA TYR A 16 -17.10 12.38 5.69
C TYR A 16 -16.31 13.58 5.17
N LYS A 17 -15.19 13.30 4.50
CA LYS A 17 -14.32 14.33 3.95
C LYS A 17 -14.24 14.16 2.44
N HIS A 18 -14.30 15.30 1.76
CA HIS A 18 -14.23 15.38 0.31
C HIS A 18 -12.84 15.86 -0.02
N TYR A 19 -12.07 15.06 -0.76
CA TYR A 19 -10.65 15.32 -0.94
C TYR A 19 -10.30 15.94 -2.30
N GLY A 20 -9.15 16.58 -2.30
CA GLY A 20 -8.58 17.20 -3.49
C GLY A 20 -7.07 17.05 -3.43
N ILE A 21 -6.43 17.25 -4.59
CA ILE A 21 -4.98 17.38 -4.69
C ILE A 21 -4.72 18.87 -4.96
N ARG A 22 -3.87 19.46 -4.11
CA ARG A 22 -3.52 20.85 -4.28
C ARG A 22 -2.16 20.96 -4.96
N ILE A 23 -2.14 21.68 -6.09
CA ILE A 23 -0.93 21.96 -6.85
C ILE A 23 -0.87 23.48 -7.02
N GLY A 24 0.02 24.14 -6.28
CA GLY A 24 0.07 25.60 -6.28
C GLY A 24 -1.21 26.19 -5.70
N ASP A 25 -1.92 27.00 -6.50
CA ASP A 25 -3.16 27.61 -6.07
C ASP A 25 -4.37 26.95 -6.73
N GLN A 26 -4.20 25.71 -7.21
CA GLN A 26 -5.26 24.96 -7.87
C GLN A 26 -5.55 23.69 -7.07
N ILE A 27 -6.83 23.34 -6.97
CA ILE A 27 -7.25 22.09 -6.38
C ILE A 27 -7.92 21.25 -7.47
N TYR A 28 -7.43 20.03 -7.68
CA TYR A 28 -8.14 19.04 -8.48
C TYR A 28 -9.02 18.20 -7.56
N HIS A 29 -10.30 18.13 -7.88
CA HIS A 29 -11.17 17.28 -7.10
C HIS A 29 -12.35 16.86 -7.98
N LEU A 30 -13.20 16.00 -7.45
CA LEU A 30 -14.33 15.48 -8.18
C LEU A 30 -15.55 16.34 -7.91
N ASN A 31 -16.39 16.47 -8.94
CA ASN A 31 -17.64 17.20 -8.90
C ASN A 31 -18.71 16.28 -8.31
N SER A 32 -18.52 15.87 -7.07
CA SER A 32 -19.34 14.86 -6.40
C SER A 32 -20.03 15.50 -5.21
N GLN A 33 -21.36 15.50 -5.19
CA GLN A 33 -22.11 16.04 -4.07
C GLN A 33 -22.10 15.05 -2.89
N ASP A 34 -22.03 13.74 -3.19
CA ASP A 34 -22.25 12.75 -2.16
C ASP A 34 -21.49 11.48 -2.50
N ILE A 35 -20.64 11.03 -1.57
CA ILE A 35 -19.72 9.93 -1.81
C ILE A 35 -20.49 8.62 -2.09
N LEU A 36 -21.55 8.30 -1.33
CA LEU A 36 -22.22 7.01 -1.54
C LEU A 36 -22.94 7.01 -2.88
N THR A 37 -23.58 8.14 -3.20
CA THR A 37 -24.26 8.31 -4.48
C THR A 37 -23.25 8.16 -5.60
N THR A 38 -22.12 8.87 -5.48
CA THR A 38 -21.08 8.84 -6.50
C THR A 38 -20.61 7.39 -6.69
N ALA A 39 -20.41 6.67 -5.58
CA ALA A 39 -19.84 5.32 -5.67
C ALA A 39 -20.81 4.42 -6.45
N ILE A 40 -22.10 4.53 -6.12
CA ILE A 40 -23.06 3.62 -6.72
C ILE A 40 -23.33 4.02 -8.16
N THR A 41 -23.34 5.33 -8.44
CA THR A 41 -23.47 5.85 -9.80
C THR A 41 -22.31 5.38 -10.70
N GLY A 42 -21.08 5.34 -10.17
CA GLY A 42 -19.97 4.74 -10.89
C GLY A 42 -19.32 5.68 -11.91
N LYS A 43 -19.61 6.97 -11.86
CA LYS A 43 -18.83 7.90 -12.66
C LYS A 43 -18.78 9.29 -12.04
N SER A 44 -17.73 10.01 -12.39
CA SER A 44 -17.39 11.29 -11.78
C SER A 44 -16.72 12.15 -12.82
N GLU A 45 -16.87 13.47 -12.65
CA GLU A 45 -16.13 14.44 -13.43
C GLU A 45 -15.14 15.18 -12.54
N PHE A 46 -13.91 15.30 -13.01
CA PHE A 46 -12.94 16.14 -12.38
C PHE A 46 -13.22 17.62 -12.63
N ILE A 47 -12.86 18.42 -11.63
CA ILE A 47 -12.80 19.86 -11.77
C ILE A 47 -11.48 20.32 -11.18
N LYS A 48 -10.96 21.41 -11.75
CA LYS A 48 -9.80 22.09 -11.22
C LYS A 48 -10.26 23.49 -10.82
N GLU A 49 -10.17 23.80 -9.54
CA GLU A 49 -10.62 25.08 -9.02
C GLU A 49 -9.44 25.83 -8.43
N GLN A 50 -9.51 27.15 -8.57
CA GLN A 50 -8.80 28.09 -7.73
C GLN A 50 -9.01 27.72 -6.26
N ASP A 51 -7.93 27.71 -5.49
CA ASP A 51 -7.99 27.50 -4.05
C ASP A 51 -8.65 28.70 -3.38
N ASP A 52 -9.78 28.46 -2.69
CA ASP A 52 -10.57 29.51 -2.06
C ASP A 52 -10.10 29.75 -0.60
N GLY A 53 -9.01 29.08 -0.19
CA GLY A 53 -8.52 29.25 1.17
C GLY A 53 -9.28 28.42 2.19
N ASN A 54 -10.28 27.62 1.79
CA ASN A 54 -11.12 26.90 2.74
C ASN A 54 -10.81 25.39 2.78
N TRP A 55 -9.68 24.96 2.21
CA TRP A 55 -9.30 23.55 2.27
C TRP A 55 -8.44 23.31 3.51
N THR A 56 -8.49 22.06 4.03
CA THR A 56 -7.65 21.62 5.13
C THR A 56 -6.64 20.59 4.62
N HIS A 57 -5.38 20.73 5.06
CA HIS A 57 -4.31 19.81 4.71
C HIS A 57 -4.62 18.44 5.29
N ALA A 58 -4.43 17.38 4.52
CA ALA A 58 -4.60 16.02 5.04
C ALA A 58 -3.24 15.32 5.15
N MET A 59 -2.52 15.20 4.02
CA MET A 59 -1.30 14.42 3.99
C MET A 59 -0.44 14.89 2.82
N THR A 60 0.86 15.07 3.09
CA THR A 60 1.82 15.27 2.05
C THR A 60 2.72 14.04 1.95
N ALA A 61 2.76 13.47 0.75
CA ALA A 61 3.59 12.31 0.50
C ALA A 61 3.76 12.14 -1.01
N PRO A 62 4.77 11.39 -1.50
CA PRO A 62 4.83 11.05 -2.92
C PRO A 62 3.56 10.35 -3.41
N LEU A 63 3.32 10.46 -4.73
CA LEU A 63 2.16 9.86 -5.35
C LEU A 63 2.07 8.37 -5.03
N ASP A 64 3.22 7.68 -5.13
CA ASP A 64 3.35 6.26 -4.88
C ASP A 64 2.77 5.81 -3.53
N TYR A 65 2.92 6.65 -2.51
CA TYR A 65 2.34 6.37 -1.20
C TYR A 65 0.83 6.13 -1.35
N PHE A 66 0.16 6.96 -2.16
CA PHE A 66 -1.26 6.84 -2.37
C PHE A 66 -1.62 5.74 -3.37
N THR A 67 -0.91 5.67 -4.49
CA THR A 67 -1.27 4.73 -5.55
C THR A 67 -1.10 3.30 -5.09
N GLU A 68 -0.09 3.06 -4.25
CA GLU A 68 0.16 1.73 -3.73
C GLU A 68 -1.06 1.19 -2.97
N LYS A 69 -1.81 2.08 -2.29
CA LYS A 69 -2.93 1.68 -1.44
C LYS A 69 -4.24 1.63 -2.23
N TYR A 70 -4.37 2.45 -3.27
CA TYR A 70 -5.68 2.67 -3.85
C TYR A 70 -5.78 2.29 -5.34
N VAL A 71 -4.63 2.00 -5.96
CA VAL A 71 -4.56 1.61 -7.37
C VAL A 71 -3.85 0.28 -7.38
N ASN A 72 -4.58 -0.78 -7.08
CA ASN A 72 -3.91 -2.06 -6.85
C ASN A 72 -4.90 -3.18 -7.10
N SER A 73 -4.43 -4.41 -6.91
CA SER A 73 -5.18 -5.59 -7.30
C SER A 73 -6.34 -5.86 -6.33
N MET A 74 -6.26 -5.38 -5.09
CA MET A 74 -7.32 -5.66 -4.14
C MET A 74 -8.48 -4.71 -4.39
N VAL A 75 -8.17 -3.45 -4.73
CA VAL A 75 -9.17 -2.39 -4.81
C VAL A 75 -9.89 -2.41 -6.16
N GLY A 76 -10.92 -3.24 -6.27
CA GLY A 76 -11.75 -3.25 -7.47
C GLY A 76 -12.53 -1.95 -7.64
N SER A 77 -12.86 -1.60 -8.88
CA SER A 77 -13.57 -0.37 -9.14
C SER A 77 -14.29 -0.49 -10.48
N LYS A 78 -15.56 -0.10 -10.53
CA LYS A 78 -16.27 0.04 -11.80
C LYS A 78 -16.21 1.50 -12.27
N HIS A 79 -15.49 2.37 -11.54
CA HIS A 79 -15.69 3.79 -11.70
C HIS A 79 -15.05 4.28 -12.99
N ILE A 80 -15.67 5.30 -13.59
CA ILE A 80 -15.22 5.90 -14.84
C ILE A 80 -15.09 7.41 -14.59
N PHE A 81 -13.96 7.98 -14.95
CA PHE A 81 -13.66 9.36 -14.68
C PHE A 81 -13.57 10.13 -15.98
N SER A 82 -14.17 11.32 -16.00
CA SER A 82 -13.98 12.30 -17.07
C SER A 82 -13.46 13.61 -16.46
N CYS A 83 -13.23 14.63 -17.30
CA CYS A 83 -12.87 15.95 -16.81
C CYS A 83 -13.30 17.06 -17.77
N THR A 84 -13.15 18.31 -17.32
CA THR A 84 -13.37 19.51 -18.13
C THR A 84 -12.10 19.84 -18.92
N THR A 85 -12.21 20.80 -19.85
CA THR A 85 -11.05 21.33 -20.57
C THR A 85 -10.04 21.93 -19.58
N ASN A 86 -10.55 22.63 -18.56
CA ASN A 86 -9.74 23.23 -17.51
C ASN A 86 -8.80 22.21 -16.84
N CYS A 87 -9.12 20.92 -16.91
CA CYS A 87 -8.43 19.89 -16.16
C CYS A 87 -7.29 19.20 -16.92
N GLU A 88 -7.09 19.56 -18.19
CA GLU A 88 -6.13 18.89 -19.05
C GLU A 88 -4.69 19.17 -18.61
N THR A 89 -4.52 20.08 -17.66
CA THR A 89 -3.25 20.29 -16.98
C THR A 89 -2.90 19.20 -15.95
N ILE A 90 -3.81 18.26 -15.66
CA ILE A 90 -3.66 17.36 -14.53
C ILE A 90 -2.42 16.47 -14.67
N ALA A 91 -2.16 15.98 -15.88
CA ALA A 91 -1.05 15.06 -16.14
C ALA A 91 0.28 15.74 -15.82
N ARG A 92 0.45 16.95 -16.34
CA ARG A 92 1.66 17.72 -16.12
C ARG A 92 1.78 18.09 -14.65
N ASP A 93 0.65 18.45 -14.02
CA ASP A 93 0.68 18.93 -12.64
C ASP A 93 0.96 17.83 -11.61
N ILE A 94 0.36 16.63 -11.81
CA ILE A 94 0.40 15.60 -10.79
C ILE A 94 1.41 14.51 -11.15
N PHE A 95 1.71 14.34 -12.44
CA PHE A 95 2.73 13.40 -12.87
C PHE A 95 3.84 14.10 -13.64
N PRO A 96 4.51 15.14 -13.09
CA PRO A 96 5.51 15.92 -13.84
C PRO A 96 6.69 15.09 -14.35
N GLY A 97 7.00 14.00 -13.64
CA GLY A 97 8.12 13.13 -13.94
C GLY A 97 7.85 12.16 -15.08
N GLN A 98 6.56 11.89 -15.37
CA GLN A 98 6.17 10.91 -16.36
C GLN A 98 5.51 11.63 -17.52
N SER A 99 6.34 11.99 -18.50
CA SER A 99 5.90 12.73 -19.66
C SER A 99 4.90 11.92 -20.48
N GLY A 100 5.00 10.58 -20.43
CA GLY A 100 4.14 9.69 -21.21
C GLY A 100 2.64 9.77 -20.89
N ILE A 101 2.31 9.93 -19.59
CA ILE A 101 1.03 9.53 -19.00
C ILE A 101 -0.17 10.11 -19.76
N SER A 102 -1.06 9.24 -20.27
CA SER A 102 -2.32 9.67 -20.89
C SER A 102 -3.25 10.33 -19.89
N GLN A 103 -4.21 11.09 -20.44
CA GLN A 103 -5.12 11.85 -19.60
C GLN A 103 -6.08 10.91 -18.87
N SER A 104 -6.49 9.81 -19.50
CA SER A 104 -7.43 8.90 -18.85
C SER A 104 -6.75 8.09 -17.75
N LYS A 105 -5.42 7.89 -17.85
CA LYS A 105 -4.68 7.23 -16.78
C LYS A 105 -4.55 8.17 -15.60
N ALA A 106 -4.22 9.43 -15.87
CA ALA A 106 -4.05 10.41 -14.83
C ALA A 106 -5.35 10.53 -14.03
N LEU A 107 -6.47 10.67 -14.74
CA LEU A 107 -7.80 10.81 -14.14
C LEU A 107 -8.12 9.57 -13.31
N GLY A 108 -7.88 8.40 -13.90
CA GLY A 108 -8.20 7.13 -13.29
C GLY A 108 -7.44 6.95 -11.97
N ILE A 109 -6.16 7.29 -11.98
CA ILE A 109 -5.29 7.12 -10.83
C ILE A 109 -5.69 8.12 -9.73
N VAL A 110 -5.74 9.40 -10.07
CA VAL A 110 -6.05 10.40 -9.07
C VAL A 110 -7.49 10.21 -8.58
N GLY A 111 -8.39 9.85 -9.50
CA GLY A 111 -9.78 9.65 -9.11
C GLY A 111 -9.97 8.50 -8.10
N LEU A 112 -9.22 7.41 -8.28
CA LEU A 112 -9.28 6.32 -7.32
C LEU A 112 -8.71 6.79 -5.98
N ILE A 113 -7.67 7.61 -6.01
CA ILE A 113 -7.12 8.10 -4.76
C ILE A 113 -8.17 8.94 -4.03
N LEU A 114 -8.81 9.86 -4.74
CA LEU A 114 -9.71 10.81 -4.10
C LEU A 114 -10.96 10.09 -3.57
N LEU A 115 -11.50 9.12 -4.31
CA LEU A 115 -12.72 8.47 -3.86
C LEU A 115 -12.38 7.54 -2.70
N SER A 116 -11.24 6.84 -2.79
CA SER A 116 -10.80 5.94 -1.74
C SER A 116 -10.60 6.70 -0.43
N ALA A 117 -9.94 7.86 -0.49
CA ALA A 117 -9.69 8.67 0.68
C ALA A 117 -11.03 9.09 1.32
N SER A 118 -11.97 9.55 0.48
CA SER A 118 -13.27 9.98 0.97
CA SER A 118 -13.27 9.99 0.98
C SER A 118 -13.98 8.82 1.67
N LEU A 119 -13.96 7.65 1.02
CA LEU A 119 -14.57 6.49 1.63
C LEU A 119 -13.92 6.16 2.97
N LEU A 120 -12.57 6.16 3.03
CA LEU A 120 -11.92 5.75 4.27
C LEU A 120 -11.98 6.86 5.34
N SER A 121 -12.35 8.10 4.98
CA SER A 121 -12.65 9.16 5.95
C SER A 121 -13.83 8.81 6.87
N LEU A 122 -14.63 7.80 6.47
CA LEU A 122 -15.70 7.31 7.33
C LEU A 122 -15.16 6.61 8.59
N LEU A 123 -13.86 6.24 8.59
CA LEU A 123 -13.19 5.70 9.77
C LEU A 123 -12.57 6.78 10.65
N ALA A 124 -12.61 8.05 10.24
CA ALA A 124 -11.85 9.06 10.95
C ALA A 124 -12.65 9.59 12.14
N VAL A 125 -11.97 10.32 13.03
CA VAL A 125 -12.65 11.04 14.09
C VAL A 125 -13.75 11.95 13.48
N PRO B 2 7.80 -13.76 3.25
CA PRO B 2 7.05 -13.16 4.37
C PRO B 2 6.50 -14.24 5.31
N GLY B 3 5.17 -14.25 5.52
CA GLY B 3 4.48 -15.43 6.02
C GLY B 3 3.74 -16.15 4.90
N PRO B 4 3.07 -17.30 5.18
CA PRO B 4 2.25 -17.96 4.16
C PRO B 4 1.16 -17.00 3.66
N ASP B 5 0.64 -17.27 2.46
CA ASP B 5 -0.40 -16.44 1.90
C ASP B 5 -1.65 -16.54 2.79
N ILE B 6 -2.40 -15.44 2.93
CA ILE B 6 -3.76 -15.55 3.45
C ILE B 6 -4.76 -15.36 2.32
N GLU B 7 -6.00 -15.79 2.56
CA GLU B 7 -7.06 -15.68 1.59
C GLU B 7 -8.10 -14.67 2.08
N LEU B 8 -8.15 -13.56 1.35
CA LEU B 8 -9.22 -12.58 1.50
C LEU B 8 -10.46 -13.10 0.78
N VAL B 9 -11.61 -13.04 1.45
CA VAL B 9 -12.87 -13.49 0.89
C VAL B 9 -13.93 -12.44 1.20
N TYR B 10 -15.12 -12.57 0.59
CA TYR B 10 -16.20 -11.64 0.86
C TYR B 10 -17.57 -12.29 0.59
N LYS B 11 -18.60 -11.71 1.23
CA LYS B 11 -19.99 -11.91 0.87
C LYS B 11 -20.54 -10.63 0.28
N ASN B 12 -21.26 -10.73 -0.82
CA ASN B 12 -21.86 -9.55 -1.45
C ASN B 12 -23.15 -9.21 -0.71
N ARG B 13 -23.18 -8.03 -0.07
CA ARG B 13 -24.34 -7.63 0.71
C ARG B 13 -25.07 -6.49 0.02
N GLY B 14 -24.84 -6.35 -1.29
CA GLY B 14 -25.53 -5.40 -2.15
C GLY B 14 -24.94 -3.99 -2.07
N PHE B 15 -25.15 -3.33 -0.92
CA PHE B 15 -24.57 -2.01 -0.67
C PHE B 15 -23.05 -2.12 -0.76
N TYR B 16 -22.51 -3.24 -0.25
CA TYR B 16 -21.08 -3.40 -0.13
C TYR B 16 -20.72 -4.87 -0.14
N LYS B 17 -19.40 -5.13 -0.23
CA LYS B 17 -18.81 -6.45 -0.08
C LYS B 17 -18.23 -6.57 1.32
N HIS B 18 -18.67 -7.61 2.03
CA HIS B 18 -18.25 -7.83 3.40
C HIS B 18 -17.09 -8.83 3.43
N TYR B 19 -15.91 -8.31 3.79
CA TYR B 19 -14.67 -9.05 3.67
C TYR B 19 -14.38 -9.83 4.95
N GLY B 20 -13.71 -10.96 4.74
CA GLY B 20 -13.19 -11.81 5.80
C GLY B 20 -11.83 -12.40 5.41
N ILE B 21 -11.17 -13.05 6.37
CA ILE B 21 -9.97 -13.84 6.11
C ILE B 21 -10.34 -15.30 6.32
N ARG B 22 -10.16 -16.10 5.28
CA ARG B 22 -10.41 -17.52 5.39
C ARG B 22 -9.11 -18.25 5.71
N ILE B 23 -9.11 -18.94 6.85
CA ILE B 23 -8.05 -19.88 7.26
C ILE B 23 -8.70 -21.24 7.46
N GLY B 24 -8.31 -22.20 6.63
CA GLY B 24 -8.92 -23.51 6.55
C GLY B 24 -10.41 -23.41 6.23
N ASP B 25 -11.21 -23.90 7.17
CA ASP B 25 -12.66 -23.93 7.04
C ASP B 25 -13.32 -22.87 7.93
N GLN B 26 -12.52 -21.90 8.39
CA GLN B 26 -12.95 -20.83 9.28
C GLN B 26 -12.76 -19.48 8.57
N ILE B 27 -13.72 -18.57 8.75
CA ILE B 27 -13.61 -17.20 8.26
C ILE B 27 -13.62 -16.25 9.44
N TYR B 28 -12.57 -15.42 9.55
CA TYR B 28 -12.58 -14.31 10.49
C TYR B 28 -13.19 -13.08 9.82
N HIS B 29 -14.18 -12.45 10.49
CA HIS B 29 -14.76 -11.23 9.95
C HIS B 29 -15.47 -10.46 11.07
N LEU B 30 -15.99 -9.29 10.72
CA LEU B 30 -16.62 -8.39 11.67
C LEU B 30 -18.10 -8.71 11.72
N ASN B 31 -18.59 -8.77 12.97
CA ASN B 31 -19.99 -9.02 13.23
C ASN B 31 -20.77 -7.72 13.02
N SER B 32 -20.99 -7.39 11.74
CA SER B 32 -21.57 -6.12 11.34
C SER B 32 -22.26 -6.27 9.99
N GLN B 33 -23.53 -5.87 9.92
CA GLN B 33 -24.32 -6.04 8.71
C GLN B 33 -24.17 -4.86 7.75
N ASP B 34 -23.72 -3.68 8.22
CA ASP B 34 -23.71 -2.49 7.38
C ASP B 34 -22.40 -1.73 7.62
N ILE B 35 -21.53 -1.67 6.61
CA ILE B 35 -20.20 -1.11 6.79
C ILE B 35 -20.33 0.38 7.17
N LEU B 36 -21.37 1.07 6.72
CA LEU B 36 -21.51 2.48 7.06
C LEU B 36 -21.76 2.62 8.57
N THR B 37 -22.62 1.76 9.11
CA THR B 37 -22.93 1.75 10.52
C THR B 37 -21.67 1.48 11.35
N THR B 38 -20.92 0.47 10.93
CA THR B 38 -19.70 0.04 11.61
C THR B 38 -18.68 1.19 11.62
N ALA B 39 -18.41 1.75 10.43
CA ALA B 39 -17.47 2.85 10.33
C ALA B 39 -17.85 3.99 11.29
N ILE B 40 -19.12 4.44 11.27
CA ILE B 40 -19.53 5.62 12.02
C ILE B 40 -19.63 5.32 13.51
N THR B 41 -20.15 4.14 13.86
CA THR B 41 -20.21 3.71 15.25
C THR B 41 -18.81 3.58 15.88
N GLY B 42 -17.83 3.11 15.11
CA GLY B 42 -16.45 3.14 15.56
C GLY B 42 -16.05 1.99 16.48
N LYS B 43 -16.87 0.95 16.60
CA LYS B 43 -16.43 -0.28 17.24
C LYS B 43 -17.08 -1.50 16.60
N SER B 44 -16.41 -2.64 16.73
CA SER B 44 -16.82 -3.87 16.06
C SER B 44 -16.41 -5.03 16.93
N GLU B 45 -17.15 -6.12 16.75
CA GLU B 45 -16.78 -7.40 17.32
C GLU B 45 -16.39 -8.37 16.21
N PHE B 46 -15.21 -8.98 16.37
CA PHE B 46 -14.74 -10.06 15.54
C PHE B 46 -15.43 -11.37 15.88
N ILE B 47 -15.70 -12.13 14.82
CA ILE B 47 -16.21 -13.47 14.93
C ILE B 47 -15.44 -14.37 13.99
N LYS B 48 -15.46 -15.65 14.35
CA LYS B 48 -14.88 -16.70 13.54
C LYS B 48 -15.97 -17.74 13.28
N GLU B 49 -16.29 -17.97 12.02
CA GLU B 49 -17.40 -18.83 11.65
C GLU B 49 -16.92 -19.94 10.72
N GLN B 50 -17.52 -21.11 10.92
CA GLN B 50 -17.45 -22.23 9.99
C GLN B 50 -17.81 -21.73 8.59
N ASP B 51 -17.04 -22.14 7.59
CA ASP B 51 -17.30 -21.82 6.21
C ASP B 51 -18.66 -22.43 5.84
N ASP B 52 -19.63 -21.57 5.48
CA ASP B 52 -20.99 -21.98 5.11
C ASP B 52 -21.11 -22.15 3.60
N GLY B 53 -19.97 -22.10 2.88
CA GLY B 53 -19.93 -22.26 1.44
C GLY B 53 -20.43 -21.06 0.66
N ASN B 54 -20.81 -19.96 1.33
CA ASN B 54 -21.33 -18.79 0.64
C ASN B 54 -20.29 -17.67 0.46
N TRP B 55 -18.98 -17.95 0.65
CA TRP B 55 -17.99 -16.88 0.55
C TRP B 55 -17.42 -16.88 -0.87
N THR B 56 -17.07 -15.68 -1.36
CA THR B 56 -16.39 -15.56 -2.65
C THR B 56 -14.92 -15.25 -2.43
N HIS B 57 -14.08 -15.97 -3.20
CA HIS B 57 -12.64 -15.73 -3.19
C HIS B 57 -12.38 -14.31 -3.71
N ALA B 58 -11.57 -13.54 -2.97
CA ALA B 58 -11.23 -12.20 -3.43
C ALA B 58 -9.79 -12.16 -3.92
N MET B 59 -8.88 -12.60 -3.06
CA MET B 59 -7.47 -12.45 -3.34
C MET B 59 -6.64 -13.31 -2.40
N THR B 60 -5.54 -13.83 -2.92
CA THR B 60 -4.55 -14.52 -2.12
C THR B 60 -3.26 -13.71 -2.13
N ALA B 61 -2.77 -13.38 -0.94
CA ALA B 61 -1.51 -12.66 -0.82
C ALA B 61 -1.00 -12.81 0.61
N PRO B 62 0.30 -12.57 0.88
CA PRO B 62 0.77 -12.56 2.26
C PRO B 62 0.07 -11.42 3.01
N LEU B 63 -0.06 -11.63 4.33
CA LEU B 63 -0.67 -10.68 5.24
C LEU B 63 -0.05 -9.30 5.03
N ASP B 64 1.28 -9.25 4.91
CA ASP B 64 2.07 -8.04 4.76
C ASP B 64 1.67 -7.20 3.55
N TYR B 65 1.17 -7.84 2.48
CA TYR B 65 0.62 -7.10 1.36
C TYR B 65 -0.43 -6.11 1.87
N PHE B 66 -1.26 -6.57 2.80
CA PHE B 66 -2.41 -5.80 3.25
C PHE B 66 -2.02 -4.84 4.36
N THR B 67 -1.28 -5.34 5.37
CA THR B 67 -0.95 -4.55 6.56
C THR B 67 -0.18 -3.28 6.20
N GLU B 68 0.74 -3.42 5.25
CA GLU B 68 1.60 -2.36 4.78
C GLU B 68 0.81 -1.24 4.06
N LYS B 69 -0.38 -1.59 3.52
CA LYS B 69 -1.23 -0.61 2.85
C LYS B 69 -2.25 0.03 3.81
N TYR B 70 -2.94 -0.78 4.60
CA TYR B 70 -4.19 -0.35 5.24
C TYR B 70 -4.00 0.04 6.70
N VAL B 71 -2.84 -0.28 7.29
CA VAL B 71 -2.46 0.25 8.59
C VAL B 71 -1.47 1.38 8.30
N ASN B 72 -1.92 2.64 8.37
CA ASN B 72 -1.08 3.74 7.93
C ASN B 72 -1.37 5.06 8.68
N SER B 73 -0.58 6.10 8.41
CA SER B 73 -0.64 7.38 9.10
C SER B 73 -1.82 8.25 8.66
N MET B 74 -2.41 7.93 7.51
CA MET B 74 -3.48 8.70 6.90
C MET B 74 -4.83 8.31 7.49
N VAL B 75 -5.07 7.03 7.73
CA VAL B 75 -6.39 6.58 8.12
C VAL B 75 -6.46 6.38 9.63
N GLY B 76 -5.33 6.04 10.25
CA GLY B 76 -5.27 5.91 11.69
C GLY B 76 -5.98 4.67 12.21
N SER B 77 -6.40 4.75 13.47
CA SER B 77 -6.84 3.60 14.24
C SER B 77 -7.76 4.03 15.39
N LYS B 78 -8.78 4.85 15.12
CA LYS B 78 -9.76 5.24 16.13
C LYS B 78 -10.67 4.04 16.46
N HIS B 79 -10.84 3.12 15.51
CA HIS B 79 -11.82 2.04 15.68
C HIS B 79 -11.42 1.11 16.84
N ILE B 80 -12.39 0.69 17.65
CA ILE B 80 -12.17 -0.24 18.76
C ILE B 80 -12.72 -1.61 18.38
N PHE B 81 -11.89 -2.65 18.56
CA PHE B 81 -12.25 -4.03 18.29
C PHE B 81 -12.26 -4.86 19.57
N SER B 82 -13.20 -5.80 19.60
CA SER B 82 -13.26 -6.89 20.55
C SER B 82 -13.44 -8.18 19.75
N CYS B 83 -13.42 -9.31 20.44
CA CYS B 83 -13.70 -10.56 19.79
C CYS B 83 -14.33 -11.54 20.78
N THR B 84 -15.02 -12.52 20.21
CA THR B 84 -15.54 -13.67 20.94
C THR B 84 -14.37 -14.55 21.39
N THR B 85 -14.64 -15.38 22.40
CA THR B 85 -13.71 -16.41 22.85
C THR B 85 -13.32 -17.34 21.70
N ASN B 86 -14.30 -17.68 20.85
CA ASN B 86 -14.08 -18.53 19.68
C ASN B 86 -13.02 -17.95 18.73
N CYS B 87 -12.80 -16.63 18.82
CA CYS B 87 -12.02 -15.87 17.85
C CYS B 87 -10.59 -15.65 18.37
N GLU B 88 -10.28 -16.19 19.55
CA GLU B 88 -8.97 -15.97 20.16
C GLU B 88 -7.87 -16.75 19.43
N THR B 89 -8.24 -17.64 18.52
CA THR B 89 -7.27 -18.32 17.67
C THR B 89 -6.65 -17.40 16.61
N ILE B 90 -7.11 -16.13 16.52
CA ILE B 90 -6.80 -15.27 15.39
C ILE B 90 -5.30 -15.02 15.26
N ALA B 91 -4.62 -14.79 16.39
CA ALA B 91 -3.19 -14.51 16.40
C ALA B 91 -2.39 -15.67 15.82
N ARG B 92 -2.71 -16.89 16.27
CA ARG B 92 -2.01 -18.08 15.80
C ARG B 92 -2.28 -18.32 14.32
N ASP B 93 -3.53 -18.13 13.89
CA ASP B 93 -3.95 -18.46 12.52
C ASP B 93 -3.43 -17.44 11.50
N ILE B 94 -3.43 -16.14 11.84
CA ILE B 94 -3.15 -15.12 10.85
C ILE B 94 -1.73 -14.56 11.04
N PHE B 95 -1.18 -14.62 12.26
CA PHE B 95 0.19 -14.21 12.51
C PHE B 95 1.04 -15.36 13.08
N PRO B 96 1.19 -16.53 12.41
CA PRO B 96 2.02 -17.63 12.93
C PRO B 96 3.48 -17.21 13.12
N GLY B 97 3.96 -16.30 12.25
CA GLY B 97 5.33 -15.83 12.28
C GLY B 97 5.66 -14.87 13.44
N GLN B 98 4.64 -14.33 14.11
CA GLN B 98 4.82 -13.34 15.16
C GLN B 98 4.18 -13.85 16.44
N SER B 99 4.81 -14.83 17.10
CA SER B 99 4.15 -15.57 18.16
C SER B 99 3.90 -14.72 19.41
N GLY B 100 4.63 -13.60 19.58
CA GLY B 100 4.42 -12.71 20.71
C GLY B 100 3.29 -11.67 20.52
N ILE B 101 2.70 -11.59 19.31
CA ILE B 101 1.79 -10.51 18.96
C ILE B 101 0.55 -10.57 19.86
N SER B 102 0.19 -9.43 20.46
CA SER B 102 -0.95 -9.41 21.35
C SER B 102 -2.22 -9.61 20.53
N GLN B 103 -3.31 -9.95 21.23
CA GLN B 103 -4.58 -10.20 20.61
C GLN B 103 -5.13 -8.86 20.10
N SER B 104 -4.99 -7.77 20.88
CA SER B 104 -5.58 -6.51 20.46
C SER B 104 -4.82 -5.88 19.29
N LYS B 105 -3.53 -6.21 19.15
CA LYS B 105 -2.79 -5.76 17.97
C LYS B 105 -3.25 -6.55 16.74
N ALA B 106 -3.42 -7.87 16.91
CA ALA B 106 -3.93 -8.74 15.86
C ALA B 106 -5.31 -8.28 15.39
N LEU B 107 -6.21 -8.00 16.33
CA LEU B 107 -7.56 -7.57 15.97
C LEU B 107 -7.51 -6.23 15.24
N GLY B 108 -6.64 -5.31 15.74
CA GLY B 108 -6.49 -3.97 15.22
C GLY B 108 -6.02 -4.00 13.78
N ILE B 109 -5.08 -4.90 13.49
CA ILE B 109 -4.47 -4.94 12.17
C ILE B 109 -5.45 -5.57 11.17
N VAL B 110 -6.01 -6.73 11.53
CA VAL B 110 -6.88 -7.43 10.62
C VAL B 110 -8.14 -6.59 10.46
N GLY B 111 -8.62 -5.99 11.57
CA GLY B 111 -9.79 -5.13 11.57
C GLY B 111 -9.68 -3.96 10.58
N LEU B 112 -8.52 -3.28 10.57
CA LEU B 112 -8.30 -2.18 9.64
C LEU B 112 -8.28 -2.71 8.21
N ILE B 113 -7.72 -3.90 7.99
CA ILE B 113 -7.74 -4.46 6.63
C ILE B 113 -9.18 -4.73 6.17
N LEU B 114 -10.01 -5.36 7.03
CA LEU B 114 -11.37 -5.72 6.68
C LEU B 114 -12.25 -4.48 6.54
N LEU B 115 -12.10 -3.50 7.43
CA LEU B 115 -12.88 -2.28 7.33
C LEU B 115 -12.53 -1.60 6.00
N SER B 116 -11.23 -1.53 5.70
CA SER B 116 -10.76 -0.80 4.54
C SER B 116 -11.27 -1.45 3.25
N ALA B 117 -11.13 -2.77 3.15
CA ALA B 117 -11.61 -3.50 1.99
C ALA B 117 -13.13 -3.37 1.84
N SER B 118 -13.84 -3.51 2.97
CA SER B 118 -15.30 -3.40 2.94
C SER B 118 -15.76 -2.00 2.48
N LEU B 119 -15.11 -0.94 2.97
CA LEU B 119 -15.44 0.42 2.54
C LEU B 119 -15.08 0.64 1.06
N LEU B 120 -13.89 0.20 0.66
CA LEU B 120 -13.45 0.41 -0.70
C LEU B 120 -14.25 -0.42 -1.69
N SER B 121 -14.94 -1.47 -1.24
CA SER B 121 -15.80 -2.25 -2.11
C SER B 121 -16.92 -1.39 -2.72
N LEU B 122 -17.23 -0.23 -2.14
CA LEU B 122 -18.24 0.64 -2.74
C LEU B 122 -17.82 1.16 -4.13
N LEU B 123 -16.51 1.12 -4.47
CA LEU B 123 -16.07 1.52 -5.81
C LEU B 123 -16.51 0.48 -6.84
N ALA B 124 -16.71 -0.74 -6.35
CA ALA B 124 -16.82 -1.92 -7.17
C ALA B 124 -18.28 -2.31 -7.36
N VAL B 125 -19.14 -2.17 -6.32
CA VAL B 125 -20.48 -2.74 -6.39
C VAL B 125 -21.45 -1.78 -7.11
N PRO C 2 -9.45 -24.19 -41.85
CA PRO C 2 -10.52 -23.62 -41.00
C PRO C 2 -11.47 -22.75 -41.83
N GLY C 3 -12.23 -21.88 -41.14
CA GLY C 3 -13.17 -20.97 -41.81
C GLY C 3 -12.59 -19.55 -41.93
N PRO C 4 -13.42 -18.50 -41.90
CA PRO C 4 -12.89 -17.15 -42.03
C PRO C 4 -12.01 -16.76 -40.84
N ASP C 5 -11.21 -15.72 -41.04
CA ASP C 5 -10.47 -15.10 -39.95
C ASP C 5 -11.48 -14.63 -38.92
N ILE C 6 -11.00 -14.44 -37.68
CA ILE C 6 -11.87 -13.90 -36.64
C ILE C 6 -11.45 -12.48 -36.33
N GLU C 7 -12.45 -11.67 -36.01
CA GLU C 7 -12.24 -10.25 -35.81
C GLU C 7 -12.19 -9.96 -34.33
N LEU C 8 -11.11 -9.31 -33.92
CA LEU C 8 -10.94 -8.83 -32.57
C LEU C 8 -11.38 -7.36 -32.57
N VAL C 9 -12.27 -7.01 -31.64
CA VAL C 9 -12.77 -5.65 -31.52
C VAL C 9 -12.58 -5.21 -30.07
N TYR C 10 -12.71 -3.92 -29.79
CA TYR C 10 -12.60 -3.48 -28.41
C TYR C 10 -13.34 -2.17 -28.18
N LYS C 11 -13.55 -1.89 -26.90
CA LYS C 11 -13.95 -0.59 -26.37
C LYS C 11 -12.90 -0.11 -25.36
N ASN C 12 -12.58 1.19 -25.41
CA ASN C 12 -11.74 1.84 -24.42
C ASN C 12 -12.48 1.83 -23.08
N ARG C 13 -11.79 1.44 -22.00
CA ARG C 13 -12.43 1.40 -20.71
C ARG C 13 -11.41 1.82 -19.65
N GLY C 14 -11.05 3.10 -19.65
CA GLY C 14 -10.21 3.68 -18.62
C GLY C 14 -8.74 3.31 -18.79
N PHE C 15 -8.27 2.35 -18.01
CA PHE C 15 -6.87 1.93 -18.00
C PHE C 15 -6.55 0.92 -19.10
N TYR C 16 -7.59 0.29 -19.67
CA TYR C 16 -7.41 -0.88 -20.51
C TYR C 16 -8.39 -0.84 -21.69
N LYS C 17 -8.08 -1.63 -22.71
CA LYS C 17 -9.02 -1.93 -23.78
C LYS C 17 -9.77 -3.22 -23.45
N HIS C 18 -11.10 -3.16 -23.56
CA HIS C 18 -12.00 -4.25 -23.29
C HIS C 18 -12.37 -4.94 -24.60
N TYR C 19 -11.93 -6.19 -24.75
CA TYR C 19 -11.93 -6.86 -26.04
C TYR C 19 -13.15 -7.76 -26.23
N GLY C 20 -13.50 -7.96 -27.49
CA GLY C 20 -14.45 -8.99 -27.86
C GLY C 20 -14.11 -9.60 -29.21
N ILE C 21 -14.78 -10.72 -29.53
CA ILE C 21 -14.79 -11.28 -30.87
C ILE C 21 -16.13 -10.95 -31.52
N ARG C 22 -16.06 -10.34 -32.72
CA ARG C 22 -17.26 -10.03 -33.47
C ARG C 22 -17.51 -11.09 -34.54
N ILE C 23 -18.67 -11.75 -34.45
CA ILE C 23 -19.19 -12.66 -35.48
C ILE C 23 -20.53 -12.12 -35.97
N GLY C 24 -20.59 -11.67 -37.23
CA GLY C 24 -21.80 -11.07 -37.75
C GLY C 24 -22.14 -9.77 -37.01
N ASP C 25 -23.34 -9.72 -36.42
CA ASP C 25 -23.81 -8.58 -35.63
C ASP C 25 -23.75 -8.93 -34.14
N GLN C 26 -23.00 -9.98 -33.76
CA GLN C 26 -22.88 -10.37 -32.37
C GLN C 26 -21.44 -10.18 -31.90
N ILE C 27 -21.29 -9.76 -30.64
CA ILE C 27 -20.00 -9.63 -29.97
C ILE C 27 -19.96 -10.60 -28.80
N TYR C 28 -18.96 -11.50 -28.81
CA TYR C 28 -18.65 -12.28 -27.62
C TYR C 28 -17.62 -11.53 -26.79
N HIS C 29 -17.95 -11.28 -25.52
CA HIS C 29 -17.03 -10.60 -24.63
C HIS C 29 -17.36 -10.91 -23.18
N LEU C 30 -16.46 -10.49 -22.29
CA LEU C 30 -16.55 -10.83 -20.88
C LEU C 30 -17.44 -9.78 -20.21
N ASN C 31 -18.37 -10.27 -19.40
CA ASN C 31 -19.45 -9.50 -18.83
C ASN C 31 -19.01 -8.98 -17.48
N SER C 32 -18.39 -7.81 -17.44
CA SER C 32 -17.93 -7.25 -16.19
C SER C 32 -17.66 -5.77 -16.38
N GLN C 33 -18.05 -4.97 -15.38
CA GLN C 33 -17.68 -3.56 -15.32
C GLN C 33 -16.25 -3.39 -14.80
N ASP C 34 -15.58 -4.50 -14.44
CA ASP C 34 -14.26 -4.44 -13.84
C ASP C 34 -13.50 -5.73 -14.11
N ILE C 35 -13.06 -5.84 -15.37
CA ILE C 35 -12.45 -7.03 -15.93
C ILE C 35 -11.15 -7.39 -15.22
N LEU C 36 -10.36 -6.40 -14.78
CA LEU C 36 -9.08 -6.70 -14.17
C LEU C 36 -9.28 -7.43 -12.86
N THR C 37 -10.32 -7.08 -12.10
CA THR C 37 -10.57 -7.74 -10.84
C THR C 37 -10.96 -9.20 -11.11
N THR C 38 -11.61 -9.51 -12.25
CA THR C 38 -11.98 -10.89 -12.53
C THR C 38 -10.72 -11.74 -12.68
N ALA C 39 -9.60 -11.15 -13.12
CA ALA C 39 -8.38 -11.91 -13.17
C ALA C 39 -8.00 -12.36 -11.76
N ILE C 40 -8.17 -11.48 -10.76
CA ILE C 40 -7.76 -11.76 -9.39
C ILE C 40 -8.71 -12.81 -8.79
N THR C 41 -10.01 -12.65 -9.07
CA THR C 41 -10.98 -13.53 -8.46
C THR C 41 -10.90 -14.92 -9.10
N GLY C 42 -10.49 -15.02 -10.38
CA GLY C 42 -10.25 -16.33 -10.99
C GLY C 42 -11.40 -16.86 -11.87
N LYS C 43 -12.46 -16.06 -12.10
CA LYS C 43 -13.57 -16.50 -12.92
C LYS C 43 -14.12 -15.30 -13.68
N SER C 44 -14.45 -15.51 -14.94
CA SER C 44 -15.00 -14.47 -15.78
C SER C 44 -16.19 -15.07 -16.51
N GLU C 45 -17.21 -14.25 -16.76
CA GLU C 45 -18.40 -14.72 -17.43
C GLU C 45 -18.50 -14.06 -18.80
N PHE C 46 -18.76 -14.89 -19.82
CA PHE C 46 -18.99 -14.47 -21.18
C PHE C 46 -20.45 -14.05 -21.36
N ILE C 47 -20.64 -13.05 -22.23
CA ILE C 47 -21.94 -12.70 -22.80
C ILE C 47 -21.75 -12.52 -24.31
N LYS C 48 -22.82 -12.81 -25.04
CA LYS C 48 -22.96 -12.45 -26.43
C LYS C 48 -24.01 -11.35 -26.55
N GLU C 49 -23.62 -10.24 -27.18
CA GLU C 49 -24.42 -9.03 -27.29
C GLU C 49 -24.52 -8.63 -28.75
N GLN C 50 -25.69 -8.08 -29.13
CA GLN C 50 -25.87 -7.38 -30.39
C GLN C 50 -24.85 -6.24 -30.50
N ASP C 51 -24.23 -6.12 -31.67
CA ASP C 51 -23.30 -5.05 -31.97
C ASP C 51 -24.03 -3.70 -31.90
N ASP C 52 -23.58 -2.82 -31.00
CA ASP C 52 -24.26 -1.55 -30.79
C ASP C 52 -23.67 -0.48 -31.71
N GLY C 53 -22.69 -0.83 -32.55
CA GLY C 53 -22.05 0.13 -33.42
C GLY C 53 -20.90 0.91 -32.75
N ASN C 54 -20.60 0.67 -31.47
CA ASN C 54 -19.58 1.44 -30.77
C ASN C 54 -18.29 0.65 -30.52
N TRP C 55 -18.10 -0.49 -31.18
CA TRP C 55 -16.85 -1.22 -31.02
C TRP C 55 -15.85 -0.71 -32.03
N THR C 56 -14.56 -0.84 -31.68
CA THR C 56 -13.45 -0.52 -32.56
C THR C 56 -12.79 -1.82 -33.04
N HIS C 57 -12.58 -1.91 -34.37
CA HIS C 57 -11.81 -2.97 -34.99
C HIS C 57 -10.36 -2.91 -34.53
N ALA C 58 -9.82 -4.06 -34.08
CA ALA C 58 -8.41 -4.14 -33.75
C ALA C 58 -7.70 -4.89 -34.86
N MET C 59 -8.16 -6.10 -35.16
CA MET C 59 -7.51 -6.90 -36.18
C MET C 59 -8.37 -8.10 -36.52
N THR C 60 -8.11 -8.64 -37.71
CA THR C 60 -8.75 -9.84 -38.18
C THR C 60 -7.64 -10.81 -38.58
N ALA C 61 -7.69 -12.02 -38.04
CA ALA C 61 -6.61 -12.96 -38.27
C ALA C 61 -7.13 -14.36 -38.02
N PRO C 62 -6.49 -15.40 -38.56
CA PRO C 62 -6.92 -16.77 -38.30
C PRO C 62 -6.97 -17.04 -36.80
N LEU C 63 -7.86 -17.94 -36.38
CA LEU C 63 -7.89 -18.43 -35.01
C LEU C 63 -6.48 -18.77 -34.53
N ASP C 64 -5.66 -19.41 -35.37
CA ASP C 64 -4.31 -19.85 -35.02
C ASP C 64 -3.36 -18.73 -34.63
N TYR C 65 -3.53 -17.58 -35.26
CA TYR C 65 -2.76 -16.43 -34.85
C TYR C 65 -3.00 -16.20 -33.36
N PHE C 66 -4.27 -16.22 -32.95
CA PHE C 66 -4.64 -15.83 -31.60
C PHE C 66 -4.25 -16.89 -30.60
N THR C 67 -4.39 -18.18 -30.94
CA THR C 67 -4.03 -19.27 -30.03
C THR C 67 -2.51 -19.31 -29.86
N GLU C 68 -1.79 -19.08 -30.97
CA GLU C 68 -0.33 -18.99 -30.90
C GLU C 68 0.09 -17.85 -29.99
N LYS C 69 -0.56 -16.70 -30.10
CA LYS C 69 -0.14 -15.56 -29.32
C LYS C 69 -0.54 -15.68 -27.84
N TYR C 70 -1.74 -16.21 -27.55
CA TYR C 70 -2.33 -16.01 -26.24
C TYR C 70 -2.45 -17.28 -25.38
N VAL C 71 -2.49 -18.47 -25.99
CA VAL C 71 -2.61 -19.70 -25.21
C VAL C 71 -1.23 -20.27 -24.94
N ASN C 72 -0.76 -20.14 -23.70
CA ASN C 72 0.58 -20.58 -23.32
C ASN C 72 0.63 -20.81 -21.82
N SER C 73 1.78 -21.25 -21.35
CA SER C 73 1.99 -21.60 -19.96
C SER C 73 1.98 -20.39 -19.03
N MET C 74 2.08 -19.17 -19.57
CA MET C 74 2.09 -17.99 -18.70
C MET C 74 0.69 -17.65 -18.21
N VAL C 75 -0.35 -18.01 -18.99
CA VAL C 75 -1.72 -17.87 -18.51
C VAL C 75 -2.24 -19.20 -17.93
N GLY C 76 -1.70 -20.33 -18.41
CA GLY C 76 -2.06 -21.63 -17.91
C GLY C 76 -3.54 -21.94 -18.13
N SER C 77 -4.07 -22.86 -17.32
CA SER C 77 -5.37 -23.44 -17.55
C SER C 77 -6.31 -23.11 -16.39
N LYS C 78 -5.84 -22.36 -15.39
CA LYS C 78 -6.51 -22.25 -14.11
C LYS C 78 -7.76 -21.36 -14.18
N HIS C 79 -7.76 -20.31 -15.01
CA HIS C 79 -8.88 -19.37 -15.01
C HIS C 79 -10.16 -20.07 -15.46
N ILE C 80 -11.27 -19.71 -14.83
CA ILE C 80 -12.56 -20.29 -15.18
C ILE C 80 -13.35 -19.28 -16.02
N PHE C 81 -13.76 -19.73 -17.19
CA PHE C 81 -14.64 -18.96 -18.05
C PHE C 81 -15.97 -19.67 -18.12
N SER C 82 -17.03 -19.00 -17.64
CA SER C 82 -18.42 -19.44 -17.78
C SER C 82 -19.14 -18.54 -18.79
N CYS C 83 -20.43 -18.78 -19.00
CA CYS C 83 -21.17 -17.99 -19.98
C CYS C 83 -22.67 -17.95 -19.67
N THR C 84 -23.34 -16.92 -20.23
CA THR C 84 -24.80 -16.88 -20.33
C THR C 84 -25.29 -17.97 -21.30
N THR C 85 -26.60 -18.26 -21.28
CA THR C 85 -27.22 -19.28 -22.13
C THR C 85 -27.09 -18.95 -23.63
N ASN C 86 -27.11 -17.65 -23.98
CA ASN C 86 -27.08 -17.22 -25.37
C ASN C 86 -25.66 -17.34 -25.97
N CYS C 87 -24.67 -17.83 -25.20
CA CYS C 87 -23.34 -18.12 -25.74
C CYS C 87 -23.16 -19.56 -26.23
N GLU C 88 -24.23 -20.35 -26.28
CA GLU C 88 -24.13 -21.71 -26.75
C GLU C 88 -23.72 -21.75 -28.23
N THR C 89 -23.85 -20.62 -28.94
CA THR C 89 -23.43 -20.49 -30.33
C THR C 89 -21.91 -20.35 -30.49
N ILE C 90 -21.13 -20.23 -29.40
CA ILE C 90 -19.75 -19.77 -29.53
C ILE C 90 -18.90 -20.78 -30.31
N ALA C 91 -19.12 -22.08 -30.07
CA ALA C 91 -18.35 -23.14 -30.70
C ALA C 91 -18.52 -23.09 -32.23
N ARG C 92 -19.76 -22.99 -32.70
CA ARG C 92 -20.00 -22.97 -34.14
C ARG C 92 -19.53 -21.65 -34.75
N ASP C 93 -19.70 -20.54 -34.02
CA ASP C 93 -19.38 -19.22 -34.56
C ASP C 93 -17.87 -19.01 -34.73
N ILE C 94 -17.10 -19.41 -33.70
CA ILE C 94 -15.67 -19.07 -33.64
C ILE C 94 -14.83 -20.28 -34.03
N PHE C 95 -15.37 -21.49 -33.88
CA PHE C 95 -14.59 -22.69 -34.14
C PHE C 95 -15.32 -23.59 -35.14
N PRO C 96 -15.79 -23.06 -36.30
CA PRO C 96 -16.53 -23.89 -37.26
C PRO C 96 -15.71 -25.09 -37.78
N GLY C 97 -14.38 -24.92 -37.85
CA GLY C 97 -13.49 -25.95 -38.36
C GLY C 97 -13.02 -26.93 -37.28
N GLN C 98 -13.66 -26.89 -36.09
CA GLN C 98 -13.33 -27.81 -35.03
C GLN C 98 -14.60 -28.43 -34.45
N SER C 99 -15.48 -28.93 -35.32
CA SER C 99 -16.70 -29.58 -34.89
C SER C 99 -16.36 -30.68 -33.88
N GLY C 100 -17.08 -30.72 -32.75
CA GLY C 100 -16.76 -31.60 -31.64
C GLY C 100 -16.12 -30.88 -30.44
N ILE C 101 -15.57 -29.68 -30.63
CA ILE C 101 -14.95 -28.94 -29.53
C ILE C 101 -16.01 -28.65 -28.46
N SER C 102 -15.69 -28.86 -27.18
CA SER C 102 -16.65 -28.60 -26.13
C SER C 102 -16.88 -27.09 -26.00
N GLN C 103 -18.02 -26.73 -25.42
CA GLN C 103 -18.30 -25.35 -25.11
C GLN C 103 -17.29 -24.83 -24.09
N SER C 104 -16.93 -25.62 -23.07
CA SER C 104 -15.99 -25.19 -22.05
C SER C 104 -14.62 -24.89 -22.68
N LYS C 105 -14.22 -25.69 -23.68
CA LYS C 105 -12.95 -25.44 -24.38
C LYS C 105 -12.99 -24.16 -25.21
N ALA C 106 -14.07 -23.96 -25.97
CA ALA C 106 -14.28 -22.77 -26.76
C ALA C 106 -14.22 -21.50 -25.88
N LEU C 107 -14.98 -21.50 -24.78
CA LEU C 107 -14.97 -20.42 -23.81
C LEU C 107 -13.56 -20.18 -23.27
N GLY C 108 -12.86 -21.26 -22.91
CA GLY C 108 -11.56 -21.11 -22.28
C GLY C 108 -10.52 -20.50 -23.23
N ILE C 109 -10.53 -20.91 -24.51
CA ILE C 109 -9.59 -20.38 -25.49
C ILE C 109 -9.93 -18.92 -25.76
N VAL C 110 -11.21 -18.65 -26.08
CA VAL C 110 -11.58 -17.29 -26.40
C VAL C 110 -11.35 -16.40 -25.18
N GLY C 111 -11.67 -16.92 -23.99
CA GLY C 111 -11.47 -16.23 -22.74
C GLY C 111 -10.01 -15.78 -22.53
N LEU C 112 -9.07 -16.70 -22.76
CA LEU C 112 -7.67 -16.38 -22.62
C LEU C 112 -7.22 -15.31 -23.64
N ILE C 113 -7.75 -15.38 -24.87
CA ILE C 113 -7.43 -14.38 -25.86
C ILE C 113 -7.90 -12.99 -25.38
N LEU C 114 -9.16 -12.88 -24.94
CA LEU C 114 -9.74 -11.58 -24.65
C LEU C 114 -9.15 -10.99 -23.36
N LEU C 115 -9.01 -11.84 -22.34
CA LEU C 115 -8.54 -11.34 -21.07
C LEU C 115 -7.04 -11.06 -21.14
N SER C 116 -6.28 -11.89 -21.84
CA SER C 116 -4.87 -11.59 -22.10
C SER C 116 -4.74 -10.26 -22.82
N ALA C 117 -5.52 -10.05 -23.89
CA ALA C 117 -5.37 -8.82 -24.66
C ALA C 117 -5.67 -7.62 -23.73
N SER C 118 -6.68 -7.75 -22.89
CA SER C 118 -7.06 -6.66 -22.02
C SER C 118 -5.93 -6.35 -21.05
N LEU C 119 -5.36 -7.41 -20.47
CA LEU C 119 -4.28 -7.24 -19.50
C LEU C 119 -3.09 -6.55 -20.16
N LEU C 120 -2.70 -6.99 -21.35
CA LEU C 120 -1.51 -6.43 -22.00
C LEU C 120 -1.77 -5.01 -22.47
N SER C 121 -3.04 -4.64 -22.68
CA SER C 121 -3.38 -3.32 -23.15
C SER C 121 -2.97 -2.27 -22.10
N LEU C 122 -2.82 -2.69 -20.83
CA LEU C 122 -2.34 -1.80 -19.79
C LEU C 122 -1.00 -1.18 -20.19
N LEU C 123 -0.18 -1.92 -20.95
CA LEU C 123 1.15 -1.46 -21.29
C LEU C 123 1.16 -0.55 -22.52
N ALA C 124 0.02 -0.40 -23.23
CA ALA C 124 -0.08 0.40 -24.44
C ALA C 124 -0.82 1.72 -24.18
N VAL C 125 -1.80 1.70 -23.25
CA VAL C 125 -2.77 2.77 -23.06
C VAL C 125 -2.15 3.91 -22.21
N PRO D 2 22.19 -13.44 -31.71
CA PRO D 2 23.52 -14.06 -31.78
C PRO D 2 23.77 -15.18 -30.74
N GLY D 3 23.20 -15.01 -29.53
CA GLY D 3 23.69 -15.68 -28.33
C GLY D 3 22.73 -16.71 -27.75
N PRO D 4 22.98 -17.20 -26.52
CA PRO D 4 22.20 -18.30 -25.95
C PRO D 4 20.76 -17.90 -25.60
N ASP D 5 19.90 -18.92 -25.50
CA ASP D 5 18.57 -18.79 -24.96
C ASP D 5 18.63 -18.17 -23.56
N ILE D 6 17.58 -17.41 -23.25
CA ILE D 6 17.44 -16.86 -21.92
C ILE D 6 16.54 -17.78 -21.09
N GLU D 7 16.75 -17.71 -19.78
CA GLU D 7 15.97 -18.44 -18.81
C GLU D 7 15.00 -17.47 -18.15
N LEU D 8 13.72 -17.79 -18.25
CA LEU D 8 12.66 -17.05 -17.58
C LEU D 8 12.35 -17.78 -16.27
N VAL D 9 12.33 -17.02 -15.17
CA VAL D 9 12.13 -17.59 -13.85
C VAL D 9 11.08 -16.73 -13.17
N TYR D 10 10.47 -17.27 -12.10
CA TYR D 10 9.58 -16.48 -11.27
C TYR D 10 9.57 -16.94 -9.81
N LYS D 11 9.00 -16.05 -8.99
CA LYS D 11 8.56 -16.33 -7.65
C LYS D 11 7.06 -16.04 -7.52
N ASN D 12 6.37 -16.93 -6.82
CA ASN D 12 4.94 -16.80 -6.56
C ASN D 12 4.70 -15.64 -5.60
N ARG D 13 3.74 -14.75 -5.92
CA ARG D 13 3.40 -13.67 -5.00
C ARG D 13 1.94 -13.79 -4.55
N GLY D 14 1.36 -14.99 -4.63
CA GLY D 14 0.02 -15.26 -4.16
C GLY D 14 -1.05 -15.01 -5.22
N PHE D 15 -1.04 -13.83 -5.84
CA PHE D 15 -2.07 -13.49 -6.80
C PHE D 15 -1.44 -13.25 -8.18
N TYR D 16 -0.11 -13.32 -8.27
CA TYR D 16 0.59 -13.28 -9.53
C TYR D 16 1.95 -13.95 -9.36
N LYS D 17 2.62 -14.17 -10.49
CA LYS D 17 3.97 -14.67 -10.49
C LYS D 17 4.89 -13.55 -10.96
N HIS D 18 5.95 -13.35 -10.19
CA HIS D 18 6.87 -12.26 -10.38
C HIS D 18 8.07 -12.78 -11.13
N TYR D 19 8.22 -12.32 -12.38
CA TYR D 19 9.15 -12.91 -13.32
C TYR D 19 10.49 -12.18 -13.33
N GLY D 20 11.53 -12.94 -13.69
CA GLY D 20 12.88 -12.43 -13.85
C GLY D 20 13.55 -13.16 -15.01
N ILE D 21 14.68 -12.61 -15.47
CA ILE D 21 15.55 -13.28 -16.42
C ILE D 21 16.81 -13.71 -15.66
N ARG D 22 17.13 -15.01 -15.73
CA ARG D 22 18.33 -15.51 -15.06
C ARG D 22 19.47 -15.52 -16.06
N ILE D 23 20.57 -14.88 -15.70
CA ILE D 23 21.82 -14.94 -16.46
C ILE D 23 22.91 -15.38 -15.49
N GLY D 24 23.51 -16.56 -15.74
CA GLY D 24 24.45 -17.14 -14.79
C GLY D 24 23.79 -17.31 -13.42
N ASP D 25 24.33 -16.63 -12.40
CA ASP D 25 23.84 -16.70 -11.04
C ASP D 25 23.08 -15.41 -10.66
N GLN D 26 22.70 -14.62 -11.66
CA GLN D 26 22.09 -13.31 -11.47
C GLN D 26 20.68 -13.31 -12.07
N ILE D 27 19.73 -12.70 -11.35
CA ILE D 27 18.35 -12.52 -11.80
C ILE D 27 18.06 -11.03 -11.96
N TYR D 28 17.61 -10.64 -13.16
CA TYR D 28 17.11 -9.30 -13.45
C TYR D 28 15.60 -9.30 -13.33
N HIS D 29 15.08 -8.42 -12.48
CA HIS D 29 13.65 -8.34 -12.25
C HIS D 29 13.27 -6.95 -11.76
N LEU D 30 11.95 -6.72 -11.63
CA LEU D 30 11.45 -5.40 -11.25
C LEU D 30 11.20 -5.34 -9.74
N ASN D 31 11.44 -4.16 -9.18
CA ASN D 31 11.14 -3.85 -7.79
C ASN D 31 9.69 -3.45 -7.67
N SER D 32 8.84 -4.46 -7.56
CA SER D 32 7.39 -4.29 -7.64
C SER D 32 6.71 -5.38 -6.81
N GLN D 33 5.64 -5.02 -6.10
CA GLN D 33 4.89 -5.98 -5.28
C GLN D 33 3.43 -6.15 -5.76
N ASP D 34 3.02 -5.38 -6.78
CA ASP D 34 1.69 -5.50 -7.35
C ASP D 34 1.77 -5.14 -8.82
N ILE D 35 1.56 -6.17 -9.67
CA ILE D 35 1.82 -6.01 -11.09
C ILE D 35 0.80 -5.05 -11.70
N LEU D 36 -0.46 -5.04 -11.20
CA LEU D 36 -1.46 -4.12 -11.71
C LEU D 36 -1.10 -2.69 -11.33
N THR D 37 -0.64 -2.47 -10.08
CA THR D 37 -0.17 -1.15 -9.69
C THR D 37 0.95 -0.66 -10.62
N THR D 38 1.95 -1.51 -10.82
CA THR D 38 3.07 -1.17 -11.67
C THR D 38 2.61 -0.85 -13.10
N ALA D 39 1.79 -1.72 -13.69
CA ALA D 39 1.36 -1.58 -15.06
C ALA D 39 0.55 -0.30 -15.26
N ILE D 40 -0.35 -0.03 -14.29
CA ILE D 40 -1.17 1.16 -14.35
C ILE D 40 -0.34 2.42 -14.12
N THR D 41 0.51 2.44 -13.08
CA THR D 41 1.22 3.67 -12.73
C THR D 41 2.31 3.99 -13.76
N GLY D 42 2.81 2.98 -14.49
CA GLY D 42 3.59 3.21 -15.68
C GLY D 42 5.09 3.43 -15.44
N LYS D 43 5.62 2.91 -14.33
CA LYS D 43 7.04 3.04 -14.07
C LYS D 43 7.52 1.89 -13.18
N SER D 44 8.77 1.53 -13.35
CA SER D 44 9.32 0.51 -12.48
C SER D 44 10.84 0.65 -12.47
N GLU D 45 11.44 0.05 -11.46
CA GLU D 45 12.87 0.03 -11.31
C GLU D 45 13.37 -1.41 -11.36
N PHE D 46 14.39 -1.63 -12.18
CA PHE D 46 15.09 -2.89 -12.26
C PHE D 46 16.01 -3.11 -11.07
N ILE D 47 16.13 -4.40 -10.73
CA ILE D 47 16.99 -4.96 -9.71
C ILE D 47 17.79 -6.06 -10.39
N LYS D 48 19.09 -6.17 -10.06
CA LYS D 48 19.84 -7.38 -10.32
C LYS D 48 20.30 -7.95 -8.98
N GLU D 49 20.00 -9.21 -8.72
CA GLU D 49 20.36 -9.81 -7.45
C GLU D 49 20.82 -11.25 -7.69
N GLN D 50 21.68 -11.71 -6.78
CA GLN D 50 22.18 -13.07 -6.76
C GLN D 50 21.00 -14.03 -6.65
N ASP D 51 21.03 -15.09 -7.47
CA ASP D 51 20.07 -16.18 -7.38
C ASP D 51 20.14 -16.82 -6.00
N ASP D 52 19.06 -16.74 -5.24
CA ASP D 52 19.01 -17.29 -3.89
C ASP D 52 18.55 -18.75 -3.93
N GLY D 53 18.36 -19.30 -5.12
CA GLY D 53 17.98 -20.70 -5.31
C GLY D 53 16.48 -20.97 -5.12
N ASN D 54 15.66 -19.92 -4.92
CA ASN D 54 14.23 -20.09 -4.66
C ASN D 54 13.35 -19.64 -5.85
N TRP D 55 13.93 -19.43 -7.03
CA TRP D 55 13.15 -19.10 -8.21
C TRP D 55 12.70 -20.36 -8.95
N THR D 56 11.51 -20.32 -9.58
CA THR D 56 11.04 -21.43 -10.39
C THR D 56 11.38 -21.15 -11.87
N HIS D 57 11.94 -22.16 -12.54
CA HIS D 57 12.28 -22.07 -13.96
C HIS D 57 10.99 -22.23 -14.79
N ALA D 58 10.66 -21.23 -15.61
CA ALA D 58 9.39 -21.19 -16.33
C ALA D 58 9.54 -21.52 -17.82
N MET D 59 10.65 -21.05 -18.41
CA MET D 59 10.89 -21.17 -19.84
C MET D 59 12.38 -20.98 -20.13
N THR D 60 12.84 -21.67 -21.18
CA THR D 60 14.09 -21.39 -21.86
C THR D 60 13.77 -21.18 -23.35
N ALA D 61 14.08 -19.99 -23.86
CA ALA D 61 13.75 -19.65 -25.22
C ALA D 61 14.66 -18.53 -25.67
N PRO D 62 14.82 -18.35 -27.00
CA PRO D 62 15.56 -17.20 -27.51
C PRO D 62 14.82 -15.91 -27.14
N LEU D 63 15.56 -14.81 -27.06
CA LEU D 63 14.97 -13.54 -26.73
C LEU D 63 13.83 -13.19 -27.70
N ASP D 64 14.02 -13.52 -28.99
CA ASP D 64 13.07 -13.23 -30.06
C ASP D 64 11.70 -13.87 -29.84
N TYR D 65 11.65 -15.01 -29.17
CA TYR D 65 10.37 -15.61 -28.86
C TYR D 65 9.52 -14.60 -28.09
N PHE D 66 10.15 -13.97 -27.08
CA PHE D 66 9.48 -13.05 -26.18
C PHE D 66 9.22 -11.67 -26.82
N THR D 67 10.19 -11.17 -27.58
CA THR D 67 10.05 -9.83 -28.16
C THR D 67 8.98 -9.83 -29.25
N GLU D 68 8.89 -10.92 -30.03
CA GLU D 68 7.87 -11.00 -31.06
C GLU D 68 6.48 -10.93 -30.42
N LYS D 69 6.35 -11.55 -29.24
CA LYS D 69 5.08 -11.62 -28.55
C LYS D 69 4.74 -10.29 -27.87
N TYR D 70 5.73 -9.66 -27.22
CA TYR D 70 5.43 -8.71 -26.16
C TYR D 70 6.13 -7.36 -26.31
N VAL D 71 7.10 -7.27 -27.22
CA VAL D 71 7.87 -6.04 -27.32
C VAL D 71 7.61 -5.35 -28.66
N ASN D 72 7.86 -6.07 -29.77
CA ASN D 72 7.97 -5.49 -31.12
C ASN D 72 6.82 -4.52 -31.40
N SER D 73 5.57 -4.91 -31.11
CA SER D 73 4.42 -4.05 -31.36
C SER D 73 4.47 -2.81 -30.46
N MET D 74 4.87 -3.00 -29.19
CA MET D 74 4.57 -2.09 -28.09
C MET D 74 5.52 -0.88 -28.11
N VAL D 75 5.86 -0.38 -29.30
CA VAL D 75 6.76 0.76 -29.40
C VAL D 75 6.08 2.03 -28.88
N GLY D 76 4.75 2.02 -28.79
CA GLY D 76 4.02 3.12 -28.18
C GLY D 76 4.40 3.37 -26.71
N SER D 77 4.95 2.34 -26.01
CA SER D 77 4.83 2.24 -24.55
C SER D 77 5.58 3.36 -23.84
N LYS D 78 4.84 4.00 -22.94
CA LYS D 78 5.36 5.13 -22.18
C LYS D 78 5.91 4.63 -20.86
N HIS D 79 5.91 3.31 -20.62
CA HIS D 79 6.35 2.81 -19.32
C HIS D 79 7.80 3.26 -19.11
N ILE D 80 8.12 3.70 -17.89
CA ILE D 80 9.44 4.24 -17.62
C ILE D 80 10.19 3.26 -16.72
N PHE D 81 11.31 2.77 -17.25
CA PHE D 81 12.18 1.85 -16.53
C PHE D 81 13.44 2.57 -16.07
N SER D 82 13.74 2.46 -14.78
CA SER D 82 14.99 2.94 -14.24
C SER D 82 15.76 1.73 -13.70
N CYS D 83 17.00 1.94 -13.27
CA CYS D 83 17.75 0.84 -12.69
C CYS D 83 18.88 1.35 -11.80
N THR D 84 19.32 0.42 -10.94
CA THR D 84 20.43 0.58 -10.01
C THR D 84 21.76 0.45 -10.77
N THR D 85 22.87 0.85 -10.14
CA THR D 85 24.19 0.71 -10.74
C THR D 85 24.45 -0.74 -11.17
N ASN D 86 23.96 -1.67 -10.34
CA ASN D 86 24.08 -3.10 -10.50
C ASN D 86 23.71 -3.59 -11.90
N CYS D 87 22.78 -2.86 -12.57
CA CYS D 87 22.15 -3.30 -13.80
C CYS D 87 22.84 -2.84 -15.08
N GLU D 88 23.99 -2.15 -14.96
CA GLU D 88 24.71 -1.69 -16.13
C GLU D 88 25.25 -2.88 -16.92
N THR D 89 25.20 -4.08 -16.33
CA THR D 89 25.61 -5.31 -17.01
C THR D 89 24.53 -5.89 -17.93
N ILE D 90 23.33 -5.29 -17.93
CA ILE D 90 22.17 -5.92 -18.52
C ILE D 90 22.34 -6.10 -20.03
N ALA D 91 22.78 -5.02 -20.72
CA ALA D 91 22.89 -5.03 -22.16
C ALA D 91 23.87 -6.12 -22.61
N ARG D 92 24.94 -6.30 -21.83
CA ARG D 92 25.95 -7.29 -22.15
C ARG D 92 25.39 -8.70 -21.91
N ASP D 93 24.69 -8.88 -20.79
CA ASP D 93 24.21 -10.18 -20.35
C ASP D 93 23.11 -10.70 -21.26
N ILE D 94 22.17 -9.83 -21.62
CA ILE D 94 20.96 -10.30 -22.27
C ILE D 94 21.03 -10.00 -23.76
N PHE D 95 21.91 -9.08 -24.16
CA PHE D 95 22.08 -8.79 -25.58
C PHE D 95 23.54 -8.97 -25.98
N PRO D 96 24.18 -10.14 -25.75
CA PRO D 96 25.61 -10.30 -26.07
C PRO D 96 25.83 -10.11 -27.57
N GLY D 97 26.81 -9.27 -27.92
CA GLY D 97 27.23 -9.11 -29.31
C GLY D 97 26.51 -7.97 -30.03
N GLN D 98 25.42 -7.45 -29.47
CA GLN D 98 24.61 -6.45 -30.15
C GLN D 98 25.14 -5.07 -29.79
N SER D 99 25.50 -4.31 -30.83
CA SER D 99 26.37 -3.16 -30.67
C SER D 99 25.60 -1.99 -30.08
N GLY D 100 24.52 -1.59 -30.77
CA GLY D 100 23.83 -0.34 -30.48
C GLY D 100 22.54 -0.54 -29.69
N ILE D 101 22.55 -1.45 -28.70
CA ILE D 101 21.51 -1.49 -27.69
C ILE D 101 21.97 -0.59 -26.55
N SER D 102 21.37 0.59 -26.42
CA SER D 102 21.60 1.41 -25.25
C SER D 102 21.06 0.69 -24.01
N GLN D 103 21.51 1.15 -22.83
CA GLN D 103 21.09 0.53 -21.59
C GLN D 103 19.60 0.76 -21.44
N SER D 104 19.10 1.96 -21.80
CA SER D 104 17.68 2.22 -21.67
C SER D 104 16.87 1.42 -22.69
N LYS D 105 17.44 1.06 -23.85
CA LYS D 105 16.68 0.23 -24.76
C LYS D 105 16.60 -1.21 -24.25
N ALA D 106 17.68 -1.71 -23.63
CA ALA D 106 17.72 -3.00 -22.98
C ALA D 106 16.68 -3.10 -21.84
N LEU D 107 16.60 -2.08 -20.98
CA LEU D 107 15.64 -2.09 -19.89
C LEU D 107 14.22 -2.15 -20.46
N GLY D 108 13.97 -1.33 -21.49
CA GLY D 108 12.69 -1.25 -22.19
C GLY D 108 12.24 -2.62 -22.71
N ILE D 109 13.16 -3.32 -23.36
CA ILE D 109 12.87 -4.60 -23.97
C ILE D 109 12.57 -5.64 -22.89
N VAL D 110 13.52 -5.83 -21.97
CA VAL D 110 13.40 -6.84 -20.94
C VAL D 110 12.23 -6.48 -20.04
N GLY D 111 12.08 -5.18 -19.78
CA GLY D 111 11.03 -4.68 -18.91
C GLY D 111 9.64 -5.05 -19.40
N LEU D 112 9.39 -4.81 -20.69
CA LEU D 112 8.13 -5.17 -21.32
C LEU D 112 7.87 -6.67 -21.29
N ILE D 113 8.93 -7.49 -21.38
CA ILE D 113 8.77 -8.93 -21.29
C ILE D 113 8.36 -9.35 -19.88
N LEU D 114 9.02 -8.80 -18.86
CA LEU D 114 8.74 -9.22 -17.50
C LEU D 114 7.37 -8.72 -17.06
N LEU D 115 7.01 -7.49 -17.46
CA LEU D 115 5.68 -6.97 -17.14
C LEU D 115 4.61 -7.85 -17.77
N SER D 116 4.85 -8.22 -19.03
CA SER D 116 3.89 -8.97 -19.81
C SER D 116 3.65 -10.32 -19.14
N ALA D 117 4.73 -11.03 -18.81
CA ALA D 117 4.60 -12.34 -18.20
C ALA D 117 3.90 -12.25 -16.85
N SER D 118 4.21 -11.19 -16.07
CA SER D 118 3.68 -11.03 -14.73
C SER D 118 2.19 -10.73 -14.82
N LEU D 119 1.81 -9.85 -15.77
CA LEU D 119 0.41 -9.56 -16.02
C LEU D 119 -0.37 -10.82 -16.39
N LEU D 120 0.16 -11.56 -17.36
CA LEU D 120 -0.51 -12.80 -17.79
C LEU D 120 -0.65 -13.80 -16.64
N SER D 121 0.32 -13.80 -15.69
CA SER D 121 0.35 -14.73 -14.59
C SER D 121 -0.87 -14.57 -13.67
N LEU D 122 -1.47 -13.38 -13.70
CA LEU D 122 -2.72 -13.18 -12.98
C LEU D 122 -3.73 -14.25 -13.34
N LEU D 123 -3.71 -14.79 -14.56
CA LEU D 123 -4.67 -15.83 -14.96
C LEU D 123 -4.25 -17.22 -14.48
N ALA D 124 -2.97 -17.37 -14.16
CA ALA D 124 -2.35 -18.66 -13.95
C ALA D 124 -2.34 -19.09 -12.48
N VAL D 125 -2.70 -18.17 -11.56
CA VAL D 125 -2.78 -18.46 -10.13
C VAL D 125 -4.09 -17.91 -9.54
N PRO E 2 31.26 1.29 23.62
CA PRO E 2 32.60 1.91 23.50
C PRO E 2 33.14 2.03 22.07
N GLY E 3 32.23 2.24 21.09
CA GLY E 3 32.53 2.00 19.68
C GLY E 3 33.04 3.25 18.94
N PRO E 4 33.28 3.18 17.61
CA PRO E 4 33.61 4.37 16.80
C PRO E 4 32.35 5.18 16.49
N ASP E 5 32.56 6.40 15.98
CA ASP E 5 31.47 7.31 15.71
C ASP E 5 30.62 6.74 14.57
N ILE E 6 29.31 7.01 14.64
CA ILE E 6 28.44 6.74 13.52
C ILE E 6 27.62 7.99 13.22
N GLU E 7 27.11 8.03 11.99
CA GLU E 7 26.44 9.20 11.53
C GLU E 7 24.94 8.93 11.36
N LEU E 8 24.13 9.64 12.13
CA LEU E 8 22.70 9.61 11.95
C LEU E 8 22.31 10.56 10.82
N VAL E 9 21.57 10.07 9.84
CA VAL E 9 21.08 10.89 8.73
C VAL E 9 19.59 10.66 8.57
N TYR E 10 18.96 11.45 7.70
CA TYR E 10 17.54 11.25 7.43
C TYR E 10 17.17 11.75 6.04
N LYS E 11 16.02 11.24 5.57
CA LYS E 11 15.30 11.79 4.42
C LYS E 11 13.89 12.18 4.86
N ASN E 12 13.43 13.35 4.38
CA ASN E 12 12.03 13.75 4.54
C ASN E 12 11.15 12.87 3.67
N ARG E 13 10.14 12.24 4.29
CA ARG E 13 9.23 11.35 3.59
C ARG E 13 7.80 11.91 3.64
N GLY E 14 7.68 13.21 3.38
CA GLY E 14 6.39 13.88 3.29
C GLY E 14 5.87 14.33 4.65
N PHE E 15 5.75 13.40 5.62
CA PHE E 15 5.08 13.68 6.89
C PHE E 15 5.93 13.25 8.10
N TYR E 16 7.11 12.66 7.84
CA TYR E 16 8.03 12.27 8.90
C TYR E 16 9.44 12.27 8.32
N LYS E 17 10.43 12.20 9.22
CA LYS E 17 11.83 12.06 8.86
C LYS E 17 12.25 10.59 8.97
N HIS E 18 12.75 10.04 7.86
CA HIS E 18 13.13 8.64 7.80
C HIS E 18 14.64 8.52 8.06
N TYR E 19 15.01 8.02 9.24
CA TYR E 19 16.42 8.03 9.66
C TYR E 19 17.18 6.80 9.17
N GLY E 20 18.48 7.01 8.96
CA GLY E 20 19.40 5.93 8.66
C GLY E 20 20.75 6.18 9.35
N ILE E 21 21.60 5.15 9.33
CA ILE E 21 22.97 5.26 9.80
C ILE E 21 23.88 5.21 8.57
N ARG E 22 24.71 6.25 8.40
CA ARG E 22 25.70 6.26 7.33
C ARG E 22 27.05 5.78 7.88
N ILE E 23 27.55 4.71 7.24
CA ILE E 23 28.89 4.17 7.42
C ILE E 23 29.59 4.22 6.06
N GLY E 24 30.64 5.05 5.95
CA GLY E 24 31.24 5.30 4.65
C GLY E 24 30.21 5.82 3.65
N ASP E 25 30.07 5.13 2.52
CA ASP E 25 29.14 5.54 1.46
C ASP E 25 27.90 4.64 1.47
N GLN E 26 27.65 3.96 2.58
CA GLN E 26 26.48 3.10 2.73
C GLN E 26 25.57 3.70 3.80
N ILE E 27 24.25 3.57 3.59
CA ILE E 27 23.26 3.91 4.59
C ILE E 27 22.41 2.69 4.90
N TYR E 28 22.40 2.37 6.20
CA TYR E 28 21.50 1.38 6.77
C TYR E 28 20.22 2.06 7.25
N HIS E 29 19.09 1.57 6.76
CA HIS E 29 17.81 2.06 7.20
C HIS E 29 16.74 0.99 7.00
N LEU E 30 15.55 1.27 7.51
CA LEU E 30 14.42 0.39 7.36
C LEU E 30 13.71 0.64 6.02
N ASN E 31 13.23 -0.46 5.45
CA ASN E 31 12.48 -0.45 4.22
C ASN E 31 11.03 -0.10 4.57
N SER E 32 10.69 1.18 4.51
CA SER E 32 9.39 1.64 4.99
C SER E 32 9.14 3.07 4.50
N GLN E 33 7.91 3.36 4.10
CA GLN E 33 7.49 4.68 3.68
C GLN E 33 6.49 5.30 4.68
N ASP E 34 6.27 4.64 5.82
CA ASP E 34 5.32 5.11 6.80
C ASP E 34 5.74 4.60 8.16
N ILE E 35 6.23 5.49 9.02
CA ILE E 35 6.78 5.10 10.31
C ILE E 35 5.68 4.46 11.16
N LEU E 36 4.43 4.92 11.06
CA LEU E 36 3.39 4.35 11.89
C LEU E 36 3.04 2.97 11.38
N THR E 37 2.99 2.78 10.06
CA THR E 37 2.79 1.45 9.53
C THR E 37 3.81 0.49 10.16
N THR E 38 5.09 0.86 10.11
CA THR E 38 6.15 -0.04 10.55
C THR E 38 6.08 -0.28 12.05
N ALA E 39 5.86 0.78 12.82
CA ALA E 39 5.85 0.68 14.27
C ALA E 39 4.66 -0.15 14.75
N ILE E 40 3.48 0.06 14.13
CA ILE E 40 2.29 -0.68 14.48
C ILE E 40 2.44 -2.16 14.10
N THR E 41 2.90 -2.44 12.87
CA THR E 41 2.93 -3.82 12.39
C THR E 41 3.93 -4.64 13.18
N GLY E 42 4.91 -3.96 13.79
CA GLY E 42 5.79 -4.58 14.77
C GLY E 42 6.94 -5.36 14.14
N LYS E 43 7.16 -5.22 12.82
CA LYS E 43 8.37 -5.75 12.22
C LYS E 43 8.80 -4.97 10.99
N SER E 44 10.09 -5.06 10.69
CA SER E 44 10.67 -4.30 9.60
C SER E 44 11.95 -4.97 9.10
N GLU E 45 12.24 -4.68 7.83
CA GLU E 45 13.38 -5.19 7.13
C GLU E 45 14.42 -4.10 6.93
N PHE E 46 15.65 -4.38 7.36
CA PHE E 46 16.77 -3.49 7.14
C PHE E 46 17.24 -3.63 5.70
N ILE E 47 17.66 -2.50 5.13
CA ILE E 47 18.33 -2.48 3.83
C ILE E 47 19.58 -1.61 3.97
N LYS E 48 20.56 -1.87 3.11
CA LYS E 48 21.76 -1.07 3.02
C LYS E 48 21.86 -0.55 1.60
N GLU E 49 21.96 0.77 1.43
CA GLU E 49 22.02 1.36 0.10
C GLU E 49 23.26 2.22 -0.01
N GLN E 50 23.83 2.23 -1.21
CA GLN E 50 24.75 3.24 -1.66
C GLN E 50 24.12 4.62 -1.42
N ASP E 51 24.92 5.51 -0.83
CA ASP E 51 24.53 6.90 -0.62
C ASP E 51 24.21 7.56 -1.97
N ASP E 52 22.98 8.03 -2.13
CA ASP E 52 22.58 8.67 -3.37
C ASP E 52 22.91 10.15 -3.32
N GLY E 53 23.51 10.60 -2.21
CA GLY E 53 23.81 12.01 -2.01
C GLY E 53 22.58 12.83 -1.61
N ASN E 54 21.47 12.18 -1.23
CA ASN E 54 20.26 12.89 -0.89
C ASN E 54 19.90 12.77 0.60
N TRP E 55 20.82 12.29 1.44
CA TRP E 55 20.53 12.21 2.88
C TRP E 55 20.97 13.52 3.57
N THR E 56 20.22 13.91 4.61
CA THR E 56 20.55 15.08 5.42
C THR E 56 21.27 14.60 6.67
N HIS E 57 22.40 15.24 6.99
CA HIS E 57 23.12 14.97 8.21
C HIS E 57 22.31 15.39 9.44
N ALA E 58 22.17 14.49 10.42
CA ALA E 58 21.52 14.81 11.69
C ALA E 58 22.57 14.95 12.79
N MET E 59 23.40 13.93 12.99
CA MET E 59 24.29 13.88 14.14
C MET E 59 25.37 12.84 13.93
N THR E 60 26.61 13.20 14.31
CA THR E 60 27.68 12.23 14.42
C THR E 60 28.05 12.07 15.89
N ALA E 61 28.06 10.83 16.34
CA ALA E 61 28.35 10.49 17.72
C ALA E 61 28.56 8.98 17.84
N PRO E 62 29.20 8.52 18.94
CA PRO E 62 29.34 7.08 19.22
C PRO E 62 27.98 6.43 19.39
N LEU E 63 27.90 5.14 19.09
CA LEU E 63 26.66 4.40 19.18
C LEU E 63 25.95 4.65 20.51
N ASP E 64 26.72 4.77 21.58
CA ASP E 64 26.17 4.86 22.92
C ASP E 64 25.40 6.15 23.13
N TYR E 65 25.75 7.23 22.40
CA TYR E 65 25.01 8.48 22.47
C TYR E 65 23.55 8.25 22.04
N PHE E 66 23.37 7.43 20.99
CA PHE E 66 22.07 7.21 20.37
C PHE E 66 21.25 6.19 21.17
N THR E 67 21.90 5.11 21.66
CA THR E 67 21.18 4.09 22.41
C THR E 67 20.73 4.67 23.76
N GLU E 68 21.57 5.53 24.34
CA GLU E 68 21.23 6.21 25.57
C GLU E 68 20.09 7.20 25.34
N LYS E 69 20.10 7.91 24.19
CA LYS E 69 19.14 8.98 23.96
C LYS E 69 17.76 8.44 23.49
N TYR E 70 17.74 7.39 22.67
CA TYR E 70 16.50 6.93 22.03
C TYR E 70 16.04 5.59 22.61
N VAL E 71 16.92 4.85 23.33
CA VAL E 71 16.56 3.64 24.07
C VAL E 71 17.04 3.80 25.53
N SER E 77 11.26 -4.34 24.02
CA SER E 77 10.65 -4.16 22.67
C SER E 77 10.44 -5.51 21.99
N LYS E 78 9.23 -5.72 21.44
CA LYS E 78 8.89 -6.93 20.70
C LYS E 78 9.19 -6.80 19.20
N HIS E 79 9.69 -5.63 18.76
CA HIS E 79 9.84 -5.36 17.34
C HIS E 79 10.86 -6.32 16.73
N ILE E 80 10.44 -6.96 15.63
CA ILE E 80 11.21 -7.97 14.94
C ILE E 80 11.89 -7.35 13.71
N PHE E 81 13.21 -7.41 13.69
CA PHE E 81 14.00 -6.91 12.58
C PHE E 81 14.47 -8.09 11.74
N SER E 82 14.32 -7.99 10.42
CA SER E 82 15.01 -8.90 9.52
C SER E 82 15.96 -8.07 8.66
N CYS E 83 16.75 -8.71 7.80
CA CYS E 83 17.61 -7.97 6.88
C CYS E 83 17.90 -8.78 5.61
N THR E 84 18.16 -8.02 4.56
CA THR E 84 18.63 -8.54 3.28
C THR E 84 20.05 -9.07 3.48
N THR E 85 20.52 -9.92 2.56
CA THR E 85 21.85 -10.51 2.67
C THR E 85 22.92 -9.41 2.59
N ASN E 86 22.66 -8.40 1.74
CA ASN E 86 23.48 -7.19 1.58
C ASN E 86 23.73 -6.46 2.91
N CYS E 87 22.94 -6.75 3.95
CA CYS E 87 23.01 -6.08 5.24
C CYS E 87 23.88 -6.78 6.27
N GLU E 88 24.48 -7.90 5.90
CA GLU E 88 25.20 -8.75 6.85
C GLU E 88 26.45 -8.05 7.35
N THR E 89 26.91 -7.02 6.62
CA THR E 89 28.04 -6.20 7.05
C THR E 89 27.76 -5.40 8.32
N ILE E 90 26.50 -5.34 8.78
CA ILE E 90 26.11 -4.38 9.79
C ILE E 90 26.93 -4.59 11.06
N ALA E 91 27.18 -5.86 11.39
CA ALA E 91 27.91 -6.25 12.59
C ALA E 91 29.27 -5.57 12.60
N ARG E 92 30.05 -5.76 11.53
CA ARG E 92 31.41 -5.28 11.52
C ARG E 92 31.46 -3.77 11.26
N ASP E 93 30.45 -3.22 10.59
CA ASP E 93 30.39 -1.79 10.27
C ASP E 93 30.08 -0.98 11.53
N ILE E 94 29.12 -1.43 12.33
CA ILE E 94 28.59 -0.61 13.42
C ILE E 94 29.12 -1.11 14.75
N PHE E 95 29.44 -2.40 14.87
CA PHE E 95 30.07 -2.87 16.09
C PHE E 95 31.39 -3.57 15.75
N PRO E 96 32.40 -2.84 15.21
CA PRO E 96 33.64 -3.49 14.77
C PRO E 96 34.43 -4.14 15.92
N GLY E 97 35.19 -5.19 15.57
CA GLY E 97 36.04 -5.91 16.51
C GLY E 97 35.29 -6.44 17.73
N GLN E 98 33.95 -6.54 17.63
CA GLN E 98 33.12 -6.92 18.78
C GLN E 98 32.38 -8.22 18.47
N SER E 99 32.98 -9.34 18.90
CA SER E 99 32.27 -10.60 19.00
C SER E 99 31.29 -10.53 20.18
N GLY E 100 30.38 -11.51 20.24
CA GLY E 100 29.30 -11.48 21.22
C GLY E 100 28.21 -10.48 20.86
N ILE E 101 28.16 -10.11 19.56
CA ILE E 101 27.07 -9.32 18.99
C ILE E 101 26.61 -10.05 17.72
N SER E 102 25.47 -10.73 17.81
CA SER E 102 24.89 -11.44 16.68
C SER E 102 24.27 -10.45 15.68
N GLN E 103 23.78 -10.98 14.56
CA GLN E 103 23.20 -10.11 13.55
C GLN E 103 21.88 -9.57 14.06
N SER E 104 21.11 -10.38 14.79
CA SER E 104 19.81 -9.96 15.30
C SER E 104 19.97 -8.95 16.46
N LYS E 105 21.11 -9.01 17.14
CA LYS E 105 21.45 -8.05 18.20
C LYS E 105 21.83 -6.69 17.62
N ALA E 106 22.55 -6.68 16.49
CA ALA E 106 22.98 -5.44 15.84
C ALA E 106 21.77 -4.69 15.27
N LEU E 107 20.90 -5.46 14.62
CA LEU E 107 19.68 -4.97 13.99
C LEU E 107 18.74 -4.36 15.02
N GLY E 108 18.57 -5.04 16.17
CA GLY E 108 17.74 -4.58 17.27
C GLY E 108 18.18 -3.22 17.81
N ILE E 109 19.49 -3.04 18.02
CA ILE E 109 20.05 -1.83 18.62
C ILE E 109 19.90 -0.67 17.63
N VAL E 110 20.34 -0.89 16.39
CA VAL E 110 20.29 0.16 15.39
C VAL E 110 18.83 0.41 15.01
N GLY E 111 18.02 -0.65 14.96
CA GLY E 111 16.64 -0.58 14.53
C GLY E 111 15.78 0.28 15.45
N LEU E 112 15.98 0.10 16.76
CA LEU E 112 15.26 0.87 17.77
C LEU E 112 15.65 2.35 17.70
N ILE E 113 16.93 2.64 17.43
CA ILE E 113 17.36 4.00 17.26
C ILE E 113 16.57 4.64 16.12
N LEU E 114 16.53 3.96 14.96
CA LEU E 114 15.96 4.56 13.74
C LEU E 114 14.44 4.70 13.89
N LEU E 115 13.81 3.70 14.52
CA LEU E 115 12.37 3.74 14.75
C LEU E 115 11.99 4.89 15.68
N SER E 116 12.72 5.02 16.80
CA SER E 116 12.42 6.04 17.80
C SER E 116 12.59 7.44 17.21
N ALA E 117 13.75 7.65 16.55
CA ALA E 117 14.04 8.93 15.93
C ALA E 117 12.95 9.27 14.91
N SER E 118 12.59 8.28 14.07
CA SER E 118 11.60 8.47 13.03
C SER E 118 10.23 8.79 13.65
N LEU E 119 9.86 8.08 14.73
CA LEU E 119 8.61 8.32 15.42
C LEU E 119 8.55 9.72 16.04
N LEU E 120 9.63 10.11 16.75
CA LEU E 120 9.63 11.39 17.42
C LEU E 120 9.68 12.56 16.43
N SER E 121 10.10 12.30 15.18
CA SER E 121 10.09 13.33 14.14
C SER E 121 8.67 13.82 13.81
N LEU E 122 7.63 13.03 14.11
CA LEU E 122 6.25 13.47 13.89
C LEU E 122 5.95 14.75 14.67
N LEU E 123 6.64 14.96 15.80
CA LEU E 123 6.38 16.09 16.69
C LEU E 123 7.25 17.29 16.36
N ALA E 124 8.28 17.09 15.53
CA ALA E 124 9.26 18.11 15.19
C ALA E 124 8.97 18.70 13.79
N VAL E 125 8.31 17.93 12.91
CA VAL E 125 7.90 18.40 11.58
C VAL E 125 6.63 19.25 11.76
N GLY F 1 11.85 27.20 43.86
CA GLY F 1 10.93 26.83 44.95
C GLY F 1 10.59 25.33 44.92
N PRO F 2 9.76 24.85 45.89
CA PRO F 2 9.43 23.42 45.98
C PRO F 2 8.83 22.82 44.71
N GLY F 3 9.07 21.51 44.49
CA GLY F 3 8.37 20.75 43.46
C GLY F 3 8.42 19.24 43.74
N PRO F 4 7.31 18.58 44.14
CA PRO F 4 7.29 17.12 44.33
C PRO F 4 7.26 16.38 42.99
N ASP F 5 7.62 15.09 43.03
CA ASP F 5 7.60 14.23 41.86
C ASP F 5 6.21 14.19 41.23
N ILE F 6 6.16 13.91 39.91
CA ILE F 6 4.90 13.77 39.23
C ILE F 6 4.75 12.33 38.72
N GLU F 7 3.48 11.88 38.71
CA GLU F 7 3.13 10.52 38.35
C GLU F 7 2.56 10.48 36.93
N LEU F 8 3.32 9.79 36.05
CA LEU F 8 2.90 9.37 34.73
C LEU F 8 2.08 8.08 34.85
N VAL F 9 0.90 8.08 34.23
CA VAL F 9 -0.03 6.94 34.22
C VAL F 9 -0.47 6.68 32.78
N TYR F 10 -1.17 5.56 32.55
CA TYR F 10 -1.67 5.27 31.21
C TYR F 10 -2.85 4.31 31.25
N LYS F 11 -3.56 4.29 30.12
CA LYS F 11 -4.51 3.24 29.77
C LYS F 11 -4.13 2.69 28.40
N ASN F 12 -4.35 1.39 28.18
CA ASN F 12 -4.15 0.80 26.88
C ASN F 12 -5.24 1.29 25.94
N ARG F 13 -4.89 1.61 24.69
CA ARG F 13 -5.88 2.03 23.72
CA ARG F 13 -5.88 2.02 23.72
C ARG F 13 -5.39 1.57 22.36
N GLY F 14 -5.85 0.38 21.96
CA GLY F 14 -5.53 -0.21 20.67
C GLY F 14 -4.06 -0.60 20.56
N PHE F 15 -3.33 0.20 19.79
CA PHE F 15 -1.96 -0.11 19.41
C PHE F 15 -0.95 0.52 20.37
N TYR F 16 -1.40 1.42 21.24
CA TYR F 16 -0.51 2.25 22.03
C TYR F 16 -1.04 2.37 23.44
N LYS F 17 -0.19 2.94 24.30
CA LYS F 17 -0.58 3.38 25.62
C LYS F 17 -0.91 4.86 25.58
N HIS F 18 -2.03 5.22 26.22
CA HIS F 18 -2.50 6.60 26.29
C HIS F 18 -2.10 7.14 27.64
N TYR F 19 -1.23 8.16 27.68
CA TYR F 19 -0.61 8.61 28.91
C TYR F 19 -1.30 9.85 29.46
N GLY F 20 -1.23 9.97 30.80
CA GLY F 20 -1.64 11.16 31.53
C GLY F 20 -0.72 11.43 32.72
N ILE F 21 -0.90 12.61 33.34
CA ILE F 21 -0.23 12.99 34.58
C ILE F 21 -1.26 13.02 35.71
N ARG F 22 -1.12 12.12 36.68
CA ARG F 22 -2.03 12.09 37.82
C ARG F 22 -1.50 13.03 38.92
N ILE F 23 -2.33 14.02 39.29
CA ILE F 23 -2.13 14.85 40.48
C ILE F 23 -3.33 14.64 41.41
N GLY F 24 -3.10 13.92 42.52
CA GLY F 24 -4.18 13.49 43.41
C GLY F 24 -5.23 12.66 42.68
N ASP F 25 -6.44 13.22 42.57
CA ASP F 25 -7.59 12.54 41.99
C ASP F 25 -7.90 13.09 40.59
N GLN F 26 -6.97 13.89 40.02
CA GLN F 26 -7.14 14.45 38.69
C GLN F 26 -6.09 13.85 37.74
N ILE F 27 -6.51 13.63 36.50
CA ILE F 27 -5.63 13.19 35.43
C ILE F 27 -5.64 14.23 34.33
N TYR F 28 -4.48 14.78 34.00
CA TYR F 28 -4.33 15.60 32.80
C TYR F 28 -3.89 14.70 31.65
N HIS F 29 -4.70 14.64 30.59
CA HIS F 29 -4.34 13.86 29.42
C HIS F 29 -4.90 14.54 28.17
N LEU F 30 -4.57 13.96 27.01
CA LEU F 30 -5.00 14.53 25.75
C LEU F 30 -6.36 13.90 25.40
N ASN F 31 -7.29 14.77 24.99
CA ASN F 31 -8.65 14.37 24.69
C ASN F 31 -8.68 13.89 23.25
N SER F 32 -8.40 12.60 23.07
CA SER F 32 -8.25 12.06 21.73
C SER F 32 -8.47 10.55 21.73
N GLN F 33 -9.28 10.09 20.78
CA GLN F 33 -9.54 8.69 20.52
C GLN F 33 -8.43 8.04 19.69
N ASP F 34 -7.56 8.88 19.09
CA ASP F 34 -6.48 8.38 18.24
C ASP F 34 -5.28 9.34 18.31
N ILE F 35 -4.40 9.04 19.26
CA ILE F 35 -3.24 9.87 19.61
C ILE F 35 -2.27 9.91 18.43
N LEU F 36 -2.16 8.81 17.70
CA LEU F 36 -1.29 8.73 16.53
C LEU F 36 -1.73 9.74 15.46
N THR F 37 -3.02 9.82 15.17
CA THR F 37 -3.53 10.77 14.21
C THR F 37 -3.38 12.20 14.75
N THR F 38 -3.56 12.37 16.06
CA THR F 38 -3.24 13.61 16.76
C THR F 38 -1.80 14.07 16.46
N ALA F 39 -0.84 13.14 16.47
CA ALA F 39 0.55 13.45 16.15
C ALA F 39 0.69 13.97 14.73
N ILE F 40 0.03 13.29 13.78
CA ILE F 40 0.03 13.67 12.38
C ILE F 40 -0.66 15.03 12.16
N THR F 41 -1.84 15.24 12.77
CA THR F 41 -2.64 16.42 12.49
C THR F 41 -1.96 17.62 13.15
N GLY F 42 -1.32 17.41 14.30
CA GLY F 42 -0.40 18.39 14.86
C GLY F 42 -1.09 19.37 15.81
N LYS F 43 -2.31 19.07 16.25
CA LYS F 43 -2.96 19.83 17.30
C LYS F 43 -3.75 18.88 18.20
N SER F 44 -4.02 19.32 19.42
CA SER F 44 -4.77 18.52 20.35
C SER F 44 -5.28 19.39 21.49
N GLU F 45 -6.25 18.83 22.20
CA GLU F 45 -6.87 19.52 23.31
C GLU F 45 -6.66 18.71 24.58
N PHE F 46 -6.23 19.38 25.65
CA PHE F 46 -6.07 18.72 26.92
C PHE F 46 -7.43 18.51 27.58
N ILE F 47 -7.47 17.57 28.52
CA ILE F 47 -8.62 17.38 29.38
C ILE F 47 -8.10 17.04 30.78
N LYS F 48 -8.69 17.70 31.79
CA LYS F 48 -8.50 17.31 33.17
C LYS F 48 -9.73 16.53 33.63
N GLU F 49 -9.48 15.34 34.17
CA GLU F 49 -10.52 14.34 34.37
C GLU F 49 -10.36 13.74 35.75
N GLN F 50 -11.49 13.53 36.43
CA GLN F 50 -11.55 12.77 37.66
C GLN F 50 -11.01 11.36 37.39
N ASP F 51 -10.09 10.88 38.23
CA ASP F 51 -9.59 9.51 38.18
C ASP F 51 -10.74 8.52 38.40
N ASP F 52 -10.86 7.53 37.51
CA ASP F 52 -11.94 6.53 37.57
C ASP F 52 -11.42 5.18 38.07
N GLY F 53 -10.20 5.15 38.65
CA GLY F 53 -9.60 3.91 39.11
C GLY F 53 -8.84 3.14 38.02
N ASN F 54 -9.21 3.30 36.74
CA ASN F 54 -8.77 2.37 35.70
C ASN F 54 -7.45 2.78 35.04
N TRP F 55 -6.66 3.68 35.64
CA TRP F 55 -5.35 4.04 35.09
C TRP F 55 -4.29 3.11 35.66
N THR F 56 -3.24 2.82 34.87
CA THR F 56 -2.08 2.10 35.37
C THR F 56 -0.94 3.06 35.69
N HIS F 57 -0.19 2.76 36.76
CA HIS F 57 0.99 3.54 37.12
C HIS F 57 2.12 3.20 36.15
N ALA F 58 2.71 4.23 35.55
CA ALA F 58 3.91 4.08 34.75
C ALA F 58 5.13 4.30 35.63
N MET F 59 5.23 5.53 36.17
CA MET F 59 6.49 6.04 36.68
C MET F 59 6.23 7.33 37.45
N THR F 60 6.83 7.45 38.64
CA THR F 60 6.87 8.68 39.43
C THR F 60 8.30 9.22 39.40
N ALA F 61 8.43 10.54 39.26
CA ALA F 61 9.73 11.13 39.01
C ALA F 61 9.59 12.64 38.91
N PRO F 62 10.67 13.42 39.18
CA PRO F 62 10.61 14.86 39.00
C PRO F 62 10.23 15.21 37.55
N LEU F 63 9.60 16.38 37.40
CA LEU F 63 9.17 16.90 36.11
C LEU F 63 10.33 16.86 35.11
N ASP F 64 11.49 17.40 35.54
CA ASP F 64 12.60 17.66 34.64
C ASP F 64 13.25 16.36 34.18
N TYR F 65 12.92 15.24 34.86
CA TYR F 65 13.24 13.91 34.34
C TYR F 65 12.51 13.65 33.03
N PHE F 66 11.18 13.79 33.07
CA PHE F 66 10.36 13.59 31.88
C PHE F 66 10.71 14.62 30.80
N THR F 67 10.87 15.89 31.22
CA THR F 67 11.11 17.00 30.29
C THR F 67 12.49 16.91 29.66
N GLU F 68 13.46 16.32 30.38
CA GLU F 68 14.82 16.19 29.85
C GLU F 68 14.83 15.04 28.85
N LYS F 69 14.01 14.01 29.08
CA LYS F 69 13.96 12.88 28.17
C LYS F 69 13.22 13.24 26.87
N TYR F 70 12.09 13.95 26.99
CA TYR F 70 11.14 14.12 25.90
C TYR F 70 11.10 15.55 25.36
N VAL F 71 11.03 16.58 26.23
CA VAL F 71 10.74 17.96 25.83
C VAL F 71 11.99 18.67 25.29
N ASN F 72 13.12 18.58 26.02
CA ASN F 72 14.35 19.26 25.64
C ASN F 72 14.87 18.73 24.30
N SER F 73 14.79 17.41 24.08
CA SER F 73 15.23 16.80 22.84
C SER F 73 14.42 17.32 21.65
N MET F 74 13.19 17.81 21.92
CA MET F 74 12.36 18.50 20.94
C MET F 74 12.79 19.96 20.84
N VAL F 75 13.91 20.20 20.13
CA VAL F 75 14.52 21.52 20.01
C VAL F 75 13.51 22.48 19.36
N GLY F 76 12.54 21.93 18.60
CA GLY F 76 11.45 22.71 18.04
C GLY F 76 10.28 21.85 17.58
N SER F 77 9.18 21.91 18.34
CA SER F 77 7.91 21.28 17.99
C SER F 77 6.87 22.36 17.70
N LYS F 78 6.07 22.15 16.64
CA LYS F 78 5.06 23.11 16.22
C LYS F 78 3.65 22.57 16.51
N HIS F 79 3.52 21.55 17.37
CA HIS F 79 2.23 21.02 17.80
C HIS F 79 1.48 22.06 18.63
N ILE F 80 0.19 22.27 18.32
CA ILE F 80 -0.66 23.26 19.00
C ILE F 80 -1.54 22.58 20.06
N PHE F 81 -1.20 22.77 21.34
CA PHE F 81 -1.97 22.23 22.45
C PHE F 81 -2.93 23.29 22.97
N SER F 82 -4.20 22.93 23.19
CA SER F 82 -5.17 23.81 23.83
C SER F 82 -5.78 23.08 25.01
N CYS F 83 -6.64 23.78 25.76
CA CYS F 83 -7.36 23.18 26.88
C CYS F 83 -8.67 23.93 27.12
N THR F 84 -9.50 23.39 28.02
CA THR F 84 -10.75 24.03 28.44
C THR F 84 -10.54 24.76 29.76
N THR F 85 -11.50 25.62 30.11
CA THR F 85 -11.53 26.29 31.40
C THR F 85 -10.92 25.38 32.48
N ASN F 86 -11.45 24.15 32.54
CA ASN F 86 -11.20 23.20 33.60
C ASN F 86 -9.71 22.86 33.75
N CYS F 87 -8.90 23.12 32.70
CA CYS F 87 -7.48 22.81 32.72
C CYS F 87 -6.61 23.94 33.21
N GLU F 88 -7.20 25.08 33.58
CA GLU F 88 -6.43 26.25 33.99
C GLU F 88 -5.67 25.98 35.30
N THR F 89 -5.96 24.85 35.95
CA THR F 89 -5.25 24.48 37.17
C THR F 89 -3.89 23.86 36.85
N ILE F 90 -3.56 23.65 35.57
CA ILE F 90 -2.46 22.78 35.20
C ILE F 90 -1.13 23.32 35.74
N ALA F 91 -0.91 24.64 35.59
CA ALA F 91 0.36 25.26 35.94
C ALA F 91 0.64 25.09 37.44
N ARG F 92 -0.38 25.35 38.27
CA ARG F 92 -0.29 25.21 39.71
C ARG F 92 0.02 23.77 40.11
N ASP F 93 -0.65 22.82 39.44
CA ASP F 93 -0.66 21.42 39.83
C ASP F 93 0.65 20.72 39.47
N ILE F 94 1.23 21.12 38.32
CA ILE F 94 2.33 20.38 37.70
C ILE F 94 3.61 21.19 37.74
N PHE F 95 3.51 22.52 37.76
CA PHE F 95 4.67 23.39 37.93
C PHE F 95 4.49 24.22 39.21
N PRO F 96 4.32 23.58 40.40
CA PRO F 96 3.84 24.30 41.59
C PRO F 96 4.82 25.36 42.12
N GLY F 97 6.08 25.29 41.68
CA GLY F 97 7.14 26.14 42.21
C GLY F 97 7.29 27.46 41.46
N GLN F 98 7.49 27.35 40.14
CA GLN F 98 7.91 28.47 39.30
C GLN F 98 6.71 29.31 38.88
N SER F 99 6.55 30.49 39.52
CA SER F 99 5.44 31.41 39.32
C SER F 99 5.21 31.73 37.85
N GLY F 100 6.30 31.91 37.10
CA GLY F 100 6.26 32.55 35.79
C GLY F 100 5.50 31.74 34.75
N ILE F 101 5.87 30.46 34.60
CA ILE F 101 5.54 29.67 33.42
C ILE F 101 4.04 29.76 33.09
N SER F 102 3.76 30.32 31.90
CA SER F 102 2.42 30.56 31.39
C SER F 102 1.68 29.24 31.12
N GLN F 103 0.37 29.33 30.93
CA GLN F 103 -0.45 28.15 30.73
C GLN F 103 -0.05 27.46 29.43
N SER F 104 0.09 28.22 28.34
CA SER F 104 0.38 27.64 27.04
C SER F 104 1.76 26.96 27.03
N LYS F 105 2.69 27.42 27.89
CA LYS F 105 3.99 26.77 28.04
C LYS F 105 3.84 25.48 28.84
N ALA F 106 3.06 25.49 29.94
CA ALA F 106 2.78 24.30 30.73
C ALA F 106 2.13 23.20 29.88
N LEU F 107 1.23 23.62 28.97
CA LEU F 107 0.52 22.74 28.07
C LEU F 107 1.50 22.11 27.08
N GLY F 108 2.36 22.96 26.50
CA GLY F 108 3.35 22.53 25.52
C GLY F 108 4.32 21.50 26.08
N ILE F 109 4.63 21.60 27.37
CA ILE F 109 5.65 20.78 28.03
C ILE F 109 5.05 19.43 28.36
N VAL F 110 3.94 19.43 29.11
CA VAL F 110 3.23 18.22 29.48
C VAL F 110 2.79 17.47 28.22
N GLY F 111 2.40 18.23 27.19
CA GLY F 111 1.83 17.65 25.98
C GLY F 111 2.83 16.81 25.19
N LEU F 112 4.07 17.31 25.08
CA LEU F 112 5.14 16.62 24.40
C LEU F 112 5.56 15.37 25.17
N ILE F 113 5.47 15.40 26.49
CA ILE F 113 5.78 14.22 27.30
C ILE F 113 4.83 13.07 26.96
N LEU F 114 3.51 13.34 27.07
CA LEU F 114 2.47 12.33 26.92
C LEU F 114 2.47 11.76 25.51
N LEU F 115 2.63 12.69 24.55
CA LEU F 115 2.52 12.38 23.14
C LEU F 115 3.75 11.58 22.70
N SER F 116 4.92 11.96 23.24
CA SER F 116 6.16 11.24 23.01
C SER F 116 6.04 9.84 23.57
N ALA F 117 5.57 9.75 24.81
CA ALA F 117 5.47 8.48 25.51
C ALA F 117 4.52 7.55 24.75
N SER F 118 3.36 8.09 24.32
CA SER F 118 2.40 7.33 23.53
C SER F 118 3.03 6.81 22.25
N LEU F 119 3.73 7.68 21.50
CA LEU F 119 4.33 7.27 20.24
C LEU F 119 5.33 6.13 20.47
N LEU F 120 6.20 6.28 21.48
CA LEU F 120 7.24 5.31 21.70
C LEU F 120 6.67 4.01 22.26
N SER F 121 5.50 4.06 22.94
CA SER F 121 4.85 2.87 23.45
C SER F 121 4.50 1.87 22.32
N LEU F 122 4.43 2.32 21.05
CA LEU F 122 4.24 1.41 19.94
C LEU F 122 5.32 0.34 19.90
N LEU F 123 6.54 0.66 20.34
CA LEU F 123 7.65 -0.28 20.23
C LEU F 123 7.67 -1.24 21.42
N ALA F 124 6.85 -0.99 22.46
CA ALA F 124 6.83 -1.82 23.66
C ALA F 124 5.74 -2.89 23.58
N VAL F 125 4.52 -2.46 23.21
CA VAL F 125 3.37 -3.35 23.05
C VAL F 125 3.61 -4.26 21.83
C TRS G . -8.00 -2.53 -10.11
C1 TRS G . -8.28 -3.56 -9.01
C2 TRS G . -8.03 -1.09 -9.59
C3 TRS G . -9.00 -2.64 -11.26
N TRS G . -6.59 -2.74 -10.66
O1 TRS G . -8.31 -4.97 -9.37
O2 TRS G . -7.37 -0.13 -10.43
O3 TRS G . -10.37 -2.55 -10.85
C1 EDO H . 0.56 -15.96 7.80
O1 EDO H . 0.34 -14.59 8.20
C2 EDO H . -0.62 -16.74 7.27
O2 EDO H . -1.44 -17.48 8.21
C1 PEG I . -18.15 -1.34 -21.49
O1 PEG I . -17.63 -0.03 -21.45
C2 PEG I . -17.09 -2.39 -21.35
O2 PEG I . -17.49 -3.40 -20.42
C3 PEG I . -18.65 -4.11 -20.86
C4 PEG I . -18.81 -5.41 -20.13
O4 PEG I . -20.16 -5.65 -19.74
C1 PGE J . -17.60 -0.44 -35.55
O1 PGE J . -16.63 -1.47 -35.65
C2 PGE J . -18.57 -0.41 -36.69
O2 PGE J . -19.86 -0.82 -36.26
C3 PGE J . -20.58 -1.58 -37.24
C4 PGE J . -21.78 -2.27 -36.61
O4 PGE J . -25.57 -0.11 -35.30
C6 PGE J . -25.28 -1.18 -36.16
C5 PGE J . -23.98 -1.84 -35.81
O3 PGE J . -22.96 -1.46 -36.72
NA NA K . -6.14 -15.29 -10.96
C1 PEG L . 21.93 -20.86 -3.23
O1 PEG L . 21.45 -22.15 -2.94
C2 PEG L . 22.53 -20.78 -4.60
O2 PEG L . 21.56 -21.10 -5.60
C3 PEG L . 21.97 -20.78 -6.92
C4 PEG L . 21.63 -21.92 -7.85
O4 PEG L . 20.26 -21.93 -8.21
C1 PGE M . -10.51 10.55 26.08
O1 PGE M . -11.37 11.46 26.74
C2 PGE M . -11.12 10.01 24.80
O2 PGE M . -11.35 8.60 24.92
C3 PGE M . -10.30 7.77 24.44
C4 PGE M . -8.96 8.07 25.12
O4 PGE M . -9.22 4.19 26.19
C6 PGE M . -9.33 5.32 27.03
C5 PGE M . -8.32 6.37 26.68
O3 PGE M . -8.97 7.62 26.47
#